data_3QVQ
#
_entry.id   3QVQ
#
_cell.length_a   80.861
_cell.length_b   92.717
_cell.length_c   125.240
_cell.angle_alpha   90.00
_cell.angle_beta   90.00
_cell.angle_gamma   90.00
#
_symmetry.space_group_name_H-M   'P 21 21 21'
#
loop_
_entity.id
_entity.type
_entity.pdbx_description
1 polymer 'Phosphodiesterase Olei02445'
2 non-polymer SN-GLYCEROL-3-PHOSPHATE
3 non-polymer 'MAGNESIUM ION'
4 non-polymer 'SODIUM ION'
5 non-polymer 'CHLORIDE ION'
6 non-polymer DI(HYDROXYETHYL)ETHER
7 non-polymer 1,2-ETHANEDIOL
8 non-polymer 'NICKEL (II) ION'
9 water water
#
_entity_poly.entity_id   1
_entity_poly.type   'polypeptide(L)'
_entity_poly.pdbx_seq_one_letter_code
;G(MSE)QSAYSFLPQVIAHRGSSGQAPENTLASLHLAGQQGIKWVEIDV(MSE)LSGDGIPVIFHDDYLSRTTDGDGLIY
KTPLAELKQLDAGSWKGQEYQQETIPTLLEAIEVISQYG(MSE)GLNLELKPCEGLEEETIAASVEVLKQHWPQDLPLLF
SSFNYFALVSAKALWPEIARGYNVSAIPSAWQERLEHLDCAGLHIHQSFFDVQQVSDIKAAGYKVLAFTINDESLALKLY
NQGLDAVFSDYPQKIQSAIDSHIN
;
_entity_poly.pdbx_strand_id   A,B,C,D
#
loop_
_chem_comp.id
_chem_comp.type
_chem_comp.name
_chem_comp.formula
CL non-polymer 'CHLORIDE ION' 'Cl -1'
EDO non-polymer 1,2-ETHANEDIOL 'C2 H6 O2'
G3P non-polymer SN-GLYCEROL-3-PHOSPHATE 'C3 H9 O6 P'
MG non-polymer 'MAGNESIUM ION' 'Mg 2'
NA non-polymer 'SODIUM ION' 'Na 1'
NI non-polymer 'NICKEL (II) ION' 'Ni 2'
PEG non-polymer DI(HYDROXYETHYL)ETHER 'C4 H10 O3'
#
# COMPACT_ATOMS: atom_id res chain seq x y z
N GLY A 1 -6.82 -10.86 -6.12
CA GLY A 1 -7.09 -9.62 -5.41
C GLY A 1 -5.83 -9.11 -4.72
N MSE A 2 -6.01 -8.21 -3.76
CA MSE A 2 -4.86 -7.62 -3.10
C MSE A 2 -4.11 -8.60 -2.17
O MSE A 2 -2.89 -8.49 -2.04
CB MSE A 2 -5.25 -6.34 -2.34
CG MSE A 2 -6.12 -6.54 -1.13
SE MSE A 2 -6.46 -4.80 -0.31
CE MSE A 2 -7.54 -5.40 1.18
N GLN A 3 -4.82 -9.55 -1.57
CA GLN A 3 -4.21 -10.56 -0.70
C GLN A 3 -3.46 -11.63 -1.49
N SER A 4 -2.49 -12.28 -0.86
CA SER A 4 -1.74 -13.36 -1.49
C SER A 4 -1.19 -12.91 -2.85
N ALA A 5 -0.54 -11.75 -2.86
CA ALA A 5 -0.11 -11.13 -4.11
C ALA A 5 0.82 -12.01 -4.95
N TYR A 6 1.56 -12.91 -4.31
CA TYR A 6 2.50 -13.72 -5.08
C TYR A 6 1.81 -14.67 -6.03
N SER A 7 0.54 -14.96 -5.76
CA SER A 7 -0.27 -15.79 -6.63
C SER A 7 -0.47 -15.15 -8.00
N PHE A 8 -0.22 -13.84 -8.08
CA PHE A 8 -0.43 -13.08 -9.30
C PHE A 8 0.87 -12.46 -9.82
N LEU A 9 1.99 -12.99 -9.34
CA LEU A 9 3.30 -12.44 -9.67
C LEU A 9 3.63 -12.61 -11.16
N PRO A 10 3.82 -11.49 -11.87
CA PRO A 10 4.24 -11.60 -13.28
C PRO A 10 5.74 -11.86 -13.36
N GLN A 11 6.22 -12.21 -14.55
CA GLN A 11 7.65 -12.45 -14.72
C GLN A 11 8.45 -11.16 -14.73
N VAL A 12 7.79 -10.05 -15.07
CA VAL A 12 8.47 -8.77 -15.18
C VAL A 12 7.80 -7.69 -14.35
N ILE A 13 8.59 -7.04 -13.50
CA ILE A 13 8.12 -5.91 -12.69
C ILE A 13 8.89 -4.66 -13.08
N ALA A 14 8.18 -3.55 -13.28
CA ALA A 14 8.83 -2.30 -13.64
C ALA A 14 9.49 -1.63 -12.42
N HIS A 15 10.82 -1.63 -12.42
CA HIS A 15 11.63 -1.14 -11.30
C HIS A 15 11.60 0.39 -11.19
N ARG A 16 10.90 0.91 -10.19
CA ARG A 16 10.65 2.35 -10.05
C ARG A 16 9.81 2.86 -11.23
N GLY A 17 8.92 1.99 -11.71
CA GLY A 17 8.17 2.22 -12.94
C GLY A 17 9.06 1.84 -14.11
N SER A 18 8.72 2.33 -15.30
N SER A 18 8.72 2.33 -15.30
CA SER A 18 9.60 2.13 -16.45
CA SER A 18 9.60 2.13 -16.45
C SER A 18 10.69 3.19 -16.41
C SER A 18 10.69 3.20 -16.40
N SER A 19 11.70 2.93 -15.59
CA SER A 19 12.67 3.96 -15.20
C SER A 19 13.91 4.07 -16.09
N GLY A 20 14.05 3.15 -17.04
CA GLY A 20 15.13 3.26 -18.00
C GLY A 20 14.95 4.53 -18.81
N GLN A 21 13.73 4.71 -19.31
CA GLN A 21 13.44 5.85 -20.16
C GLN A 21 12.87 7.04 -19.39
N ALA A 22 11.94 6.76 -18.48
CA ALA A 22 11.28 7.81 -17.72
C ALA A 22 11.93 7.98 -16.35
N PRO A 23 11.81 9.18 -15.74
CA PRO A 23 12.46 9.39 -14.44
C PRO A 23 11.92 8.39 -13.40
N GLU A 24 12.80 7.72 -12.67
CA GLU A 24 12.38 6.78 -11.64
C GLU A 24 11.37 7.36 -10.65
N ASN A 25 10.42 6.53 -10.22
CA ASN A 25 9.53 6.89 -9.12
C ASN A 25 8.72 8.17 -9.38
N THR A 26 8.26 8.33 -10.62
CA THR A 26 7.40 9.46 -10.97
C THR A 26 6.10 8.95 -11.59
N LEU A 27 5.09 9.81 -11.63
CA LEU A 27 3.89 9.46 -12.37
C LEU A 27 4.24 9.15 -13.83
N ALA A 28 5.26 9.82 -14.36
CA ALA A 28 5.67 9.56 -15.74
C ALA A 28 6.13 8.12 -15.93
N SER A 29 6.92 7.62 -14.99
CA SER A 29 7.47 6.27 -15.13
C SER A 29 6.36 5.25 -14.87
N LEU A 30 5.38 5.63 -14.07
CA LEU A 30 4.23 4.76 -13.83
C LEU A 30 3.32 4.71 -15.06
N HIS A 31 3.05 5.87 -15.66
CA HIS A 31 2.28 5.90 -16.90
C HIS A 31 2.98 5.11 -18.00
N LEU A 32 4.29 5.24 -18.10
CA LEU A 32 5.03 4.54 -19.13
C LEU A 32 4.92 3.03 -18.95
N ALA A 33 5.07 2.56 -17.71
CA ALA A 33 4.88 1.14 -17.43
C ALA A 33 3.48 0.67 -17.84
N GLY A 34 2.46 1.46 -17.50
CA GLY A 34 1.10 1.13 -17.87
C GLY A 34 0.95 1.03 -19.38
N GLN A 35 1.47 2.03 -20.09
CA GLN A 35 1.34 2.08 -21.54
C GLN A 35 2.09 0.95 -22.23
N GLN A 36 3.16 0.48 -21.58
CA GLN A 36 3.98 -0.61 -22.14
C GLN A 36 3.41 -1.99 -21.85
N GLY A 37 2.31 -2.03 -21.11
CA GLY A 37 1.66 -3.29 -20.81
C GLY A 37 2.28 -4.07 -19.68
N ILE A 38 3.11 -3.42 -18.87
CA ILE A 38 3.73 -4.12 -17.76
C ILE A 38 2.67 -4.40 -16.68
N LYS A 39 2.72 -5.59 -16.09
CA LYS A 39 1.64 -6.03 -15.19
C LYS A 39 1.73 -5.50 -13.76
N TRP A 40 2.95 -5.35 -13.26
CA TRP A 40 3.21 -4.81 -11.92
C TRP A 40 4.29 -3.75 -11.99
N VAL A 41 4.26 -2.83 -11.03
CA VAL A 41 5.36 -1.89 -10.80
C VAL A 41 5.92 -2.10 -9.41
N GLU A 42 7.17 -1.69 -9.23
CA GLU A 42 7.78 -1.55 -7.91
C GLU A 42 8.09 -0.07 -7.75
N ILE A 43 7.78 0.47 -6.57
CA ILE A 43 8.18 1.83 -6.22
C ILE A 43 8.54 1.87 -4.75
N ASP A 44 9.33 2.87 -4.36
CA ASP A 44 9.84 3.01 -3.00
C ASP A 44 9.05 4.06 -2.21
N VAL A 45 8.76 3.77 -0.94
CA VAL A 45 8.02 4.73 -0.13
C VAL A 45 8.73 5.12 1.17
N MSE A 46 8.59 6.39 1.53
CA MSE A 46 9.09 6.92 2.79
C MSE A 46 8.20 8.10 3.16
O MSE A 46 7.30 8.45 2.40
CB MSE A 46 10.55 7.35 2.66
CG MSE A 46 10.83 8.21 1.44
SE MSE A 46 12.72 8.62 1.19
CE MSE A 46 13.36 6.86 0.75
N LEU A 47 8.42 8.71 4.32
CA LEU A 47 7.61 9.85 4.72
C LEU A 47 8.31 11.18 4.48
N SER A 48 7.52 12.17 4.07
CA SER A 48 7.95 13.56 4.03
C SER A 48 8.22 14.06 5.44
N GLY A 49 8.82 15.23 5.54
CA GLY A 49 9.06 15.85 6.83
C GLY A 49 7.81 16.01 7.67
N ASP A 50 6.67 16.21 7.00
CA ASP A 50 5.39 16.33 7.70
C ASP A 50 4.52 15.06 7.69
N GLY A 51 5.15 13.91 7.44
CA GLY A 51 4.54 12.63 7.69
C GLY A 51 3.67 12.03 6.59
N ILE A 52 3.78 12.56 5.39
CA ILE A 52 2.98 12.06 4.27
C ILE A 52 3.79 11.03 3.47
N PRO A 53 3.21 9.85 3.20
CA PRO A 53 3.93 8.88 2.36
C PRO A 53 4.20 9.43 0.96
N VAL A 54 5.47 9.43 0.56
CA VAL A 54 5.86 9.93 -0.75
C VAL A 54 6.69 8.87 -1.46
N ILE A 55 6.78 8.96 -2.77
CA ILE A 55 7.47 7.96 -3.58
C ILE A 55 8.83 8.49 -4.00
N PHE A 56 9.88 7.85 -3.50
CA PHE A 56 11.23 8.39 -3.64
C PHE A 56 12.18 7.31 -3.14
N HIS A 57 13.39 7.28 -3.70
CA HIS A 57 14.35 6.23 -3.36
C HIS A 57 15.43 6.64 -2.37
N ASP A 58 16.07 7.79 -2.62
CA ASP A 58 17.23 8.23 -1.82
C ASP A 58 16.83 8.91 -0.51
N ASP A 59 17.76 8.96 0.45
CA ASP A 59 17.60 9.80 1.63
C ASP A 59 17.69 11.28 1.25
N TYR A 60 18.60 11.58 0.33
N TYR A 60 18.61 11.58 0.34
CA TYR A 60 18.90 12.96 -0.06
CA TYR A 60 18.88 12.96 -0.05
C TYR A 60 18.25 13.32 -1.39
C TYR A 60 18.14 13.31 -1.34
N LEU A 61 17.96 14.60 -1.58
CA LEU A 61 17.17 15.06 -2.72
C LEU A 61 17.91 15.31 -4.03
N SER A 62 19.24 15.42 -3.98
CA SER A 62 19.99 15.98 -5.10
C SER A 62 20.18 15.08 -6.33
N ARG A 63 20.09 13.77 -6.19
CA ARG A 63 20.28 12.91 -7.36
C ARG A 63 19.13 13.04 -8.36
N THR A 64 17.90 12.98 -7.87
CA THR A 64 16.75 12.93 -8.78
C THR A 64 15.86 14.17 -8.76
N THR A 65 16.32 15.24 -8.11
CA THR A 65 15.59 16.51 -8.16
C THR A 65 16.57 17.65 -8.20
N ASP A 66 16.04 18.86 -8.34
CA ASP A 66 16.86 20.07 -8.27
C ASP A 66 16.95 20.58 -6.84
N GLY A 67 16.48 19.77 -5.89
CA GLY A 67 16.51 20.12 -4.48
C GLY A 67 17.77 19.67 -3.78
N ASP A 68 17.86 20.00 -2.49
CA ASP A 68 19.01 19.66 -1.67
C ASP A 68 18.54 19.34 -0.24
N GLY A 69 19.15 18.34 0.38
CA GLY A 69 18.84 17.99 1.75
C GLY A 69 18.09 16.68 1.89
N LEU A 70 17.67 16.36 3.12
CA LEU A 70 17.00 15.10 3.40
C LEU A 70 15.50 15.18 3.14
N ILE A 71 15.01 14.27 2.31
CA ILE A 71 13.58 14.21 2.06
C ILE A 71 12.82 14.06 3.40
N TYR A 72 13.39 13.32 4.34
CA TYR A 72 12.74 13.08 5.62
C TYR A 72 12.55 14.35 6.43
N LYS A 73 13.28 15.40 6.08
CA LYS A 73 13.23 16.66 6.84
C LYS A 73 12.57 17.78 6.04
N THR A 74 11.90 17.41 4.95
CA THR A 74 11.34 18.41 4.04
C THR A 74 9.83 18.24 3.92
N PRO A 75 9.07 19.32 4.17
CA PRO A 75 7.61 19.19 4.12
C PRO A 75 7.11 19.00 2.69
N LEU A 76 5.97 18.34 2.54
CA LEU A 76 5.41 18.02 1.22
C LEU A 76 5.26 19.24 0.32
N ALA A 77 4.75 20.34 0.87
CA ALA A 77 4.56 21.55 0.08
C ALA A 77 5.85 21.99 -0.58
N GLU A 78 6.96 21.86 0.14
CA GLU A 78 8.27 22.21 -0.39
C GLU A 78 8.75 21.16 -1.40
N LEU A 79 8.53 19.89 -1.08
CA LEU A 79 8.89 18.81 -2.00
C LEU A 79 8.21 18.99 -3.36
N LYS A 80 6.97 19.44 -3.34
CA LYS A 80 6.17 19.57 -4.57
C LYS A 80 6.63 20.68 -5.50
N GLN A 81 7.50 21.56 -5.01
CA GLN A 81 8.07 22.60 -5.86
C GLN A 81 9.28 22.09 -6.63
N LEU A 82 9.78 20.93 -6.23
CA LEU A 82 10.97 20.37 -6.87
C LEU A 82 10.69 19.73 -8.22
N ASP A 83 11.68 19.83 -9.10
CA ASP A 83 11.65 19.24 -10.43
C ASP A 83 12.27 17.84 -10.33
N ALA A 84 11.42 16.81 -10.46
CA ALA A 84 11.86 15.43 -10.30
C ALA A 84 12.05 14.70 -11.62
N GLY A 85 12.13 15.44 -12.73
CA GLY A 85 12.22 14.83 -14.04
C GLY A 85 13.34 15.34 -14.95
N SER A 86 13.69 16.62 -14.84
CA SER A 86 14.65 17.21 -15.78
C SER A 86 16.00 16.49 -15.83
N TRP A 87 16.43 15.96 -14.70
CA TRP A 87 17.70 15.23 -14.66
C TRP A 87 17.70 14.05 -15.63
N LYS A 88 16.51 13.56 -15.95
CA LYS A 88 16.36 12.42 -16.86
C LYS A 88 16.21 12.89 -18.30
N GLY A 89 15.44 13.96 -18.49
CA GLY A 89 15.18 14.51 -19.81
C GLY A 89 14.30 15.75 -19.71
N GLN A 90 14.52 16.70 -20.63
CA GLN A 90 13.82 17.98 -20.60
C GLN A 90 12.31 17.80 -20.73
N GLU A 91 11.89 16.73 -21.40
CA GLU A 91 10.48 16.49 -21.61
C GLU A 91 9.77 16.13 -20.31
N TYR A 92 10.54 15.85 -19.26
CA TYR A 92 9.98 15.42 -17.98
C TYR A 92 10.01 16.53 -16.94
N GLN A 93 10.25 17.75 -17.41
CA GLN A 93 10.43 18.90 -16.54
C GLN A 93 9.30 19.14 -15.53
N GLN A 94 8.09 18.73 -15.88
CA GLN A 94 6.94 18.97 -15.01
C GLN A 94 6.73 17.90 -13.94
N GLU A 95 7.53 16.83 -13.98
CA GLU A 95 7.35 15.75 -13.02
C GLU A 95 7.65 16.17 -11.58
N THR A 96 6.84 15.69 -10.66
CA THR A 96 7.03 15.97 -9.24
C THR A 96 7.29 14.67 -8.48
N ILE A 97 7.72 14.80 -7.23
CA ILE A 97 7.77 13.66 -6.32
C ILE A 97 6.31 13.31 -5.98
N PRO A 98 5.86 12.11 -6.36
CA PRO A 98 4.46 11.77 -6.11
C PRO A 98 4.20 11.42 -4.67
N THR A 99 3.02 11.73 -4.17
N THR A 99 3.00 11.68 -4.19
CA THR A 99 2.57 11.10 -2.94
CA THR A 99 2.57 11.11 -2.93
C THR A 99 2.23 9.66 -3.27
C THR A 99 2.08 9.70 -3.24
N LEU A 100 2.18 8.80 -2.26
CA LEU A 100 1.74 7.42 -2.45
C LEU A 100 0.33 7.42 -3.03
N LEU A 101 -0.52 8.32 -2.54
CA LEU A 101 -1.89 8.42 -3.04
C LEU A 101 -1.92 8.70 -4.55
N GLU A 102 -1.11 9.66 -4.99
CA GLU A 102 -1.07 10.00 -6.40
C GLU A 102 -0.58 8.84 -7.25
N ALA A 103 0.41 8.13 -6.74
CA ALA A 103 0.94 6.97 -7.44
C ALA A 103 -0.12 5.87 -7.58
N ILE A 104 -0.84 5.61 -6.48
CA ILE A 104 -1.92 4.62 -6.50
C ILE A 104 -2.95 4.96 -7.59
N GLU A 105 -3.26 6.24 -7.72
CA GLU A 105 -4.24 6.66 -8.71
C GLU A 105 -3.82 6.22 -10.10
N VAL A 106 -2.57 6.50 -10.48
CA VAL A 106 -2.06 6.15 -11.79
C VAL A 106 -1.95 4.64 -11.97
N ILE A 107 -1.41 3.96 -10.96
CA ILE A 107 -1.24 2.51 -11.06
C ILE A 107 -2.59 1.82 -11.28
N SER A 108 -3.60 2.23 -10.52
N SER A 108 -3.60 2.28 -10.55
CA SER A 108 -4.90 1.57 -10.55
CA SER A 108 -4.96 1.76 -10.66
C SER A 108 -5.60 1.78 -11.88
C SER A 108 -5.54 1.97 -12.05
N GLN A 109 -5.32 2.92 -12.53
N GLN A 109 -5.20 3.09 -12.67
CA GLN A 109 -5.89 3.21 -13.83
CA GLN A 109 -5.73 3.45 -13.98
C GLN A 109 -5.60 2.12 -14.84
C GLN A 109 -5.42 2.38 -15.04
N TYR A 110 -4.38 1.60 -14.79
CA TYR A 110 -3.94 0.57 -15.73
C TYR A 110 -4.19 -0.85 -15.20
N GLY A 111 -4.76 -0.95 -14.01
CA GLY A 111 -5.04 -2.24 -13.40
C GLY A 111 -3.77 -3.01 -13.07
N MSE A 112 -2.71 -2.29 -12.74
CA MSE A 112 -1.45 -2.94 -12.41
C MSE A 112 -1.36 -3.30 -10.93
O MSE A 112 -1.95 -2.64 -10.08
CB MSE A 112 -0.26 -2.06 -12.82
CG MSE A 112 -0.06 -1.90 -14.32
SE MSE A 112 1.53 -0.89 -14.79
CE MSE A 112 1.06 0.80 -13.93
N GLY A 113 -0.60 -4.36 -10.63
CA GLY A 113 -0.27 -4.69 -9.26
C GLY A 113 0.88 -3.82 -8.76
N LEU A 114 0.99 -3.69 -7.45
CA LEU A 114 1.98 -2.82 -6.84
C LEU A 114 2.82 -3.59 -5.84
N ASN A 115 4.12 -3.65 -6.09
CA ASN A 115 5.05 -4.04 -5.05
C ASN A 115 5.59 -2.77 -4.43
N LEU A 116 5.08 -2.43 -3.25
CA LEU A 116 5.53 -1.24 -2.56
C LEU A 116 6.70 -1.60 -1.67
N GLU A 117 7.88 -1.10 -2.02
CA GLU A 117 9.04 -1.32 -1.16
C GLU A 117 9.05 -0.27 -0.05
N LEU A 118 8.96 -0.75 1.18
CA LEU A 118 9.02 0.12 2.34
C LEU A 118 10.48 0.53 2.58
N LYS A 119 10.75 1.82 2.41
CA LYS A 119 12.10 2.35 2.58
C LYS A 119 12.09 3.46 3.64
N PRO A 120 11.62 3.12 4.84
CA PRO A 120 11.53 4.16 5.87
C PRO A 120 12.89 4.72 6.28
N CYS A 121 12.86 5.99 6.67
CA CYS A 121 13.92 6.58 7.44
C CYS A 121 14.21 5.65 8.62
N GLU A 122 15.48 5.27 8.81
CA GLU A 122 15.85 4.35 9.88
C GLU A 122 15.38 4.88 11.22
N GLY A 123 14.65 4.07 11.97
CA GLY A 123 14.09 4.51 13.24
C GLY A 123 12.63 4.94 13.15
N LEU A 124 12.18 5.27 11.94
CA LEU A 124 10.80 5.72 11.74
C LEU A 124 9.97 4.66 11.05
N GLU A 125 10.32 3.39 11.24
CA GLU A 125 9.63 2.30 10.56
C GLU A 125 8.16 2.18 10.93
N GLU A 126 7.86 2.24 12.22
N GLU A 126 7.86 2.25 12.22
CA GLU A 126 6.49 2.07 12.68
CA GLU A 126 6.50 2.10 12.71
C GLU A 126 5.57 3.18 12.14
C GLU A 126 5.59 3.16 12.11
N GLU A 127 6.02 4.42 12.19
CA GLU A 127 5.22 5.54 11.68
C GLU A 127 5.08 5.49 10.16
N THR A 128 6.14 5.08 9.48
CA THR A 128 6.13 5.05 8.02
C THR A 128 5.14 4.00 7.51
N ILE A 129 5.20 2.82 8.11
CA ILE A 129 4.29 1.75 7.74
C ILE A 129 2.85 2.10 8.12
N ALA A 130 2.65 2.65 9.32
CA ALA A 130 1.28 3.03 9.72
C ALA A 130 0.67 4.01 8.73
N ALA A 131 1.45 5.02 8.36
CA ALA A 131 0.96 6.07 7.46
C ALA A 131 0.67 5.49 6.08
N SER A 132 1.52 4.58 5.62
CA SER A 132 1.33 3.97 4.31
C SER A 132 0.11 3.06 4.30
N VAL A 133 -0.04 2.28 5.35
CA VAL A 133 -1.19 1.38 5.48
C VAL A 133 -2.51 2.18 5.48
N GLU A 134 -2.53 3.33 6.13
CA GLU A 134 -3.71 4.20 6.12
C GLU A 134 -4.10 4.57 4.69
N VAL A 135 -3.14 5.04 3.92
CA VAL A 135 -3.39 5.42 2.54
C VAL A 135 -3.92 4.24 1.74
N LEU A 136 -3.25 3.10 1.86
CA LEU A 136 -3.60 1.93 1.07
C LEU A 136 -4.93 1.31 1.46
N LYS A 137 -5.21 1.24 2.77
CA LYS A 137 -6.50 0.70 3.20
C LYS A 137 -7.66 1.55 2.67
N GLN A 138 -7.42 2.84 2.50
CA GLN A 138 -8.47 3.71 1.98
C GLN A 138 -8.60 3.73 0.46
N HIS A 139 -7.49 3.56 -0.25
CA HIS A 139 -7.46 3.83 -1.69
C HIS A 139 -6.98 2.71 -2.60
N TRP A 140 -6.32 1.68 -2.05
CA TRP A 140 -5.86 0.60 -2.90
C TRP A 140 -7.02 -0.29 -3.34
N PRO A 141 -7.23 -0.44 -4.65
CA PRO A 141 -8.35 -1.28 -5.10
C PRO A 141 -8.18 -2.72 -4.61
N GLN A 142 -9.21 -3.28 -4.01
CA GLN A 142 -9.12 -4.59 -3.38
C GLN A 142 -8.95 -5.73 -4.39
N ASP A 143 -9.17 -5.42 -5.67
CA ASP A 143 -9.05 -6.43 -6.71
C ASP A 143 -7.69 -6.44 -7.42
N LEU A 144 -6.76 -5.60 -6.96
CA LEU A 144 -5.42 -5.58 -7.55
C LEU A 144 -4.37 -6.07 -6.55
N PRO A 145 -3.37 -6.83 -7.03
CA PRO A 145 -2.39 -7.37 -6.09
C PRO A 145 -1.54 -6.30 -5.41
N LEU A 146 -1.30 -6.47 -4.12
CA LEU A 146 -0.44 -5.58 -3.36
C LEU A 146 0.60 -6.38 -2.60
N LEU A 147 1.89 -6.08 -2.82
CA LEU A 147 2.96 -6.79 -2.13
C LEU A 147 3.85 -5.80 -1.38
N PHE A 148 3.97 -5.97 -0.06
CA PHE A 148 4.94 -5.19 0.70
C PHE A 148 6.30 -5.86 0.65
N SER A 149 7.37 -5.10 0.54
CA SER A 149 8.71 -5.68 0.69
C SER A 149 9.60 -4.67 1.39
N SER A 150 10.71 -5.15 1.95
CA SER A 150 11.68 -4.25 2.57
C SER A 150 13.00 -4.96 2.87
N PHE A 151 14.08 -4.18 2.91
CA PHE A 151 15.36 -4.65 3.42
C PHE A 151 15.36 -4.50 4.94
N ASN A 152 14.44 -3.67 5.43
CA ASN A 152 14.44 -3.23 6.84
C ASN A 152 13.60 -4.16 7.72
N TYR A 153 14.24 -4.72 8.76
CA TYR A 153 13.58 -5.66 9.67
C TYR A 153 12.32 -5.09 10.33
N PHE A 154 12.44 -3.93 10.96
CA PHE A 154 11.30 -3.35 11.65
C PHE A 154 10.17 -2.96 10.70
N ALA A 155 10.52 -2.65 9.45
CA ALA A 155 9.49 -2.38 8.46
C ALA A 155 8.62 -3.61 8.22
N LEU A 156 9.25 -4.77 8.09
CA LEU A 156 8.52 -6.02 7.87
C LEU A 156 7.72 -6.46 9.09
N VAL A 157 8.29 -6.25 10.28
CA VAL A 157 7.56 -6.55 11.50
C VAL A 157 6.32 -5.67 11.65
N SER A 158 6.47 -4.37 11.35
CA SER A 158 5.34 -3.45 11.42
C SER A 158 4.26 -3.76 10.38
N ALA A 159 4.68 -4.11 9.16
CA ALA A 159 3.72 -4.47 8.13
C ALA A 159 2.83 -5.64 8.58
N LYS A 160 3.45 -6.67 9.15
CA LYS A 160 2.68 -7.82 9.62
C LYS A 160 1.78 -7.46 10.81
N ALA A 161 2.30 -6.64 11.71
CA ALA A 161 1.53 -6.21 12.87
C ALA A 161 0.28 -5.42 12.48
N LEU A 162 0.43 -4.52 11.51
CA LEU A 162 -0.63 -3.58 11.19
C LEU A 162 -1.59 -4.02 10.06
N TRP A 163 -1.13 -4.93 9.20
CA TRP A 163 -1.95 -5.38 8.09
C TRP A 163 -1.46 -6.75 7.63
N PRO A 164 -1.70 -7.77 8.46
CA PRO A 164 -1.11 -9.08 8.20
C PRO A 164 -1.58 -9.76 6.91
N GLU A 165 -2.74 -9.39 6.39
CA GLU A 165 -3.30 -10.08 5.23
C GLU A 165 -2.56 -9.76 3.94
N ILE A 166 -1.74 -8.71 3.95
CA ILE A 166 -0.98 -8.35 2.75
C ILE A 166 0.35 -9.10 2.74
N ALA A 167 0.63 -9.77 1.63
CA ALA A 167 1.85 -10.56 1.49
C ALA A 167 3.10 -9.70 1.67
N ARG A 168 4.15 -10.33 2.17
CA ARG A 168 5.42 -9.66 2.44
C ARG A 168 6.57 -10.37 1.74
N GLY A 169 7.49 -9.58 1.20
CA GLY A 169 8.74 -10.10 0.65
C GLY A 169 9.94 -9.53 1.40
N TYR A 170 10.94 -10.38 1.61
CA TYR A 170 12.15 -9.98 2.30
C TYR A 170 13.22 -9.65 1.25
N ASN A 171 13.66 -8.40 1.25
CA ASN A 171 14.73 -7.94 0.34
C ASN A 171 16.08 -8.15 0.98
N VAL A 172 17.00 -8.77 0.23
CA VAL A 172 18.39 -8.93 0.63
C VAL A 172 19.27 -8.69 -0.58
N SER A 173 20.58 -8.60 -0.37
CA SER A 173 21.50 -8.67 -1.50
C SER A 173 21.85 -10.13 -1.74
N ALA A 174 22.46 -10.75 -0.74
CA ALA A 174 22.83 -12.17 -0.80
C ALA A 174 21.74 -13.05 -0.19
N ILE A 175 21.58 -14.27 -0.71
CA ILE A 175 20.70 -15.26 -0.09
C ILE A 175 21.31 -15.66 1.27
N PRO A 176 20.57 -15.42 2.37
CA PRO A 176 21.11 -15.79 3.69
C PRO A 176 21.32 -17.30 3.82
N SER A 177 22.38 -17.71 4.50
CA SER A 177 22.52 -19.14 4.76
C SER A 177 21.31 -19.61 5.56
N ALA A 178 20.82 -18.75 6.45
CA ALA A 178 19.62 -19.04 7.23
C ALA A 178 18.34 -18.50 6.58
N TRP A 179 18.22 -18.68 5.27
CA TRP A 179 17.07 -18.11 4.55
C TRP A 179 15.74 -18.62 5.10
N GLN A 180 15.68 -19.91 5.43
CA GLN A 180 14.43 -20.47 5.91
C GLN A 180 14.03 -19.88 7.26
N GLU A 181 14.98 -19.83 8.18
CA GLU A 181 14.74 -19.22 9.48
C GLU A 181 14.23 -17.79 9.31
N ARG A 182 14.88 -17.02 8.44
CA ARG A 182 14.53 -15.62 8.21
C ARG A 182 13.12 -15.47 7.65
N LEU A 183 12.81 -16.25 6.62
CA LEU A 183 11.51 -16.10 5.96
C LEU A 183 10.37 -16.50 6.89
N GLU A 184 10.60 -17.52 7.71
CA GLU A 184 9.61 -17.93 8.70
C GLU A 184 9.50 -16.93 9.86
N HIS A 185 10.63 -16.34 10.26
CA HIS A 185 10.69 -15.33 11.31
C HIS A 185 9.91 -14.09 10.92
N LEU A 186 10.13 -13.64 9.69
CA LEU A 186 9.50 -12.44 9.15
C LEU A 186 8.14 -12.74 8.51
N ASP A 187 7.81 -14.02 8.41
CA ASP A 187 6.56 -14.45 7.79
C ASP A 187 6.43 -13.85 6.39
N CYS A 188 7.45 -14.08 5.56
CA CYS A 188 7.45 -13.59 4.18
C CYS A 188 7.26 -14.74 3.23
N ALA A 189 6.57 -14.49 2.12
CA ALA A 189 6.28 -15.52 1.12
C ALA A 189 7.23 -15.47 -0.08
N GLY A 190 8.12 -14.49 -0.09
CA GLY A 190 9.10 -14.40 -1.16
C GLY A 190 10.41 -13.79 -0.69
N LEU A 191 11.47 -14.10 -1.41
CA LEU A 191 12.80 -13.54 -1.14
C LEU A 191 13.22 -12.77 -2.39
N HIS A 192 13.62 -11.51 -2.23
CA HIS A 192 14.03 -10.69 -3.36
C HIS A 192 15.52 -10.43 -3.22
N ILE A 193 16.30 -10.85 -4.21
CA ILE A 193 17.77 -10.84 -4.11
C ILE A 193 18.42 -10.01 -5.22
N HIS A 194 19.65 -9.60 -4.98
CA HIS A 194 20.44 -8.95 -6.03
C HIS A 194 20.93 -9.99 -7.03
N GLN A 195 20.84 -9.65 -8.31
CA GLN A 195 21.16 -10.58 -9.39
C GLN A 195 22.54 -11.26 -9.27
N SER A 196 23.51 -10.56 -8.71
CA SER A 196 24.87 -11.08 -8.61
C SER A 196 24.97 -12.21 -7.60
N PHE A 197 23.93 -12.39 -6.80
CA PHE A 197 23.92 -13.44 -5.79
C PHE A 197 22.99 -14.59 -6.13
N PHE A 198 22.52 -14.63 -7.38
CA PHE A 198 21.73 -15.76 -7.81
C PHE A 198 22.56 -17.04 -7.71
N ASP A 199 22.04 -18.03 -6.98
CA ASP A 199 22.72 -19.30 -6.71
C ASP A 199 21.68 -20.39 -6.99
N VAL A 200 21.84 -21.13 -8.09
CA VAL A 200 20.75 -21.98 -8.54
C VAL A 200 20.39 -23.06 -7.51
N GLN A 201 21.40 -23.55 -6.82
N GLN A 201 21.39 -23.56 -6.80
CA GLN A 201 21.18 -24.54 -5.76
CA GLN A 201 21.12 -24.56 -5.77
C GLN A 201 20.26 -24.00 -4.68
C GLN A 201 20.24 -24.00 -4.65
N GLN A 202 20.62 -22.85 -4.12
CA GLN A 202 19.84 -22.24 -3.06
C GLN A 202 18.44 -21.86 -3.54
N VAL A 203 18.35 -21.32 -4.76
CA VAL A 203 17.08 -20.92 -5.32
C VAL A 203 16.14 -22.12 -5.45
N SER A 204 16.69 -23.27 -5.87
CA SER A 204 15.87 -24.47 -6.02
C SER A 204 15.36 -24.93 -4.66
N ASP A 205 16.19 -24.81 -3.63
CA ASP A 205 15.78 -25.15 -2.26
C ASP A 205 14.64 -24.24 -1.79
N ILE A 206 14.78 -22.95 -2.05
CA ILE A 206 13.79 -21.96 -1.61
C ILE A 206 12.46 -22.18 -2.35
N LYS A 207 12.54 -22.39 -3.66
CA LYS A 207 11.36 -22.68 -4.47
C LYS A 207 10.67 -23.95 -3.99
N ALA A 208 11.44 -25.00 -3.74
CA ALA A 208 10.90 -26.28 -3.32
C ALA A 208 10.18 -26.15 -1.97
N ALA A 209 10.61 -25.17 -1.16
CA ALA A 209 10.02 -24.93 0.15
C ALA A 209 8.77 -24.06 0.10
N GLY A 210 8.42 -23.57 -1.09
CA GLY A 210 7.16 -22.86 -1.27
C GLY A 210 7.24 -21.34 -1.37
N TYR A 211 8.45 -20.80 -1.43
CA TYR A 211 8.63 -19.35 -1.52
C TYR A 211 8.90 -18.91 -2.95
N LYS A 212 8.55 -17.68 -3.29
CA LYS A 212 8.93 -17.12 -4.59
C LYS A 212 10.32 -16.50 -4.48
N VAL A 213 11.05 -16.50 -5.59
CA VAL A 213 12.36 -15.85 -5.63
C VAL A 213 12.37 -14.83 -6.76
N LEU A 214 12.70 -13.59 -6.41
CA LEU A 214 12.74 -12.48 -7.38
C LEU A 214 14.14 -11.90 -7.38
N ALA A 215 14.57 -11.29 -8.49
CA ALA A 215 15.87 -10.63 -8.52
C ALA A 215 15.83 -9.25 -9.16
N PHE A 216 16.66 -8.35 -8.63
CA PHE A 216 16.83 -7.00 -9.17
C PHE A 216 18.31 -6.74 -9.39
N THR A 217 18.67 -5.79 -10.25
CA THR A 217 17.79 -5.19 -11.24
C THR A 217 18.36 -5.68 -12.57
N ILE A 218 17.52 -6.28 -13.40
CA ILE A 218 18.02 -6.94 -14.61
C ILE A 218 17.56 -6.20 -15.85
N ASN A 219 18.52 -5.66 -16.60
CA ASN A 219 18.19 -4.94 -17.84
C ASN A 219 18.65 -5.68 -19.10
N ASP A 220 19.38 -6.76 -18.90
CA ASP A 220 19.89 -7.59 -19.98
C ASP A 220 18.91 -8.73 -20.22
N GLU A 221 18.26 -8.75 -21.38
CA GLU A 221 17.26 -9.76 -21.65
C GLU A 221 17.82 -11.19 -21.67
N SER A 222 19.06 -11.34 -22.12
N SER A 222 19.06 -11.34 -22.11
CA SER A 222 19.70 -12.65 -22.18
CA SER A 222 19.68 -12.66 -22.18
C SER A 222 19.83 -13.22 -20.78
C SER A 222 19.85 -13.24 -20.78
N LEU A 223 20.25 -12.40 -19.83
CA LEU A 223 20.41 -12.83 -18.45
C LEU A 223 19.06 -13.19 -17.86
N ALA A 224 18.06 -12.33 -18.08
CA ALA A 224 16.71 -12.64 -17.61
C ALA A 224 16.25 -14.03 -18.01
N LEU A 225 16.41 -14.36 -19.30
CA LEU A 225 15.94 -15.64 -19.82
C LEU A 225 16.68 -16.80 -19.16
N LYS A 226 17.98 -16.63 -18.94
CA LYS A 226 18.78 -17.65 -18.26
C LYS A 226 18.24 -17.87 -16.84
N LEU A 227 17.95 -16.77 -16.15
CA LEU A 227 17.49 -16.88 -14.77
C LEU A 227 16.10 -17.52 -14.66
N TYR A 228 15.18 -17.16 -15.57
CA TYR A 228 13.88 -17.83 -15.58
C TYR A 228 14.06 -19.34 -15.78
N ASN A 229 14.97 -19.71 -16.66
CA ASN A 229 15.18 -21.12 -16.99
C ASN A 229 15.70 -21.86 -15.77
N GLN A 230 16.35 -21.12 -14.87
CA GLN A 230 16.91 -21.71 -13.66
C GLN A 230 16.01 -21.54 -12.44
N GLY A 231 14.77 -21.11 -12.66
CA GLY A 231 13.78 -21.09 -11.60
C GLY A 231 13.35 -19.74 -11.07
N LEU A 232 13.98 -18.66 -11.52
CA LEU A 232 13.64 -17.33 -11.01
C LEU A 232 12.19 -17.02 -11.36
N ASP A 233 11.45 -16.44 -10.41
CA ASP A 233 10.02 -16.19 -10.65
C ASP A 233 9.75 -14.85 -11.32
N ALA A 234 10.56 -13.85 -11.00
CA ALA A 234 10.37 -12.52 -11.60
C ALA A 234 11.65 -11.71 -11.54
N VAL A 235 11.81 -10.79 -12.49
CA VAL A 235 12.86 -9.79 -12.40
C VAL A 235 12.25 -8.41 -12.19
N PHE A 236 13.00 -7.55 -11.50
CA PHE A 236 12.73 -6.12 -11.53
C PHE A 236 13.64 -5.54 -12.60
N SER A 237 13.06 -4.81 -13.55
CA SER A 237 13.83 -4.25 -14.66
C SER A 237 13.50 -2.79 -14.91
N ASP A 238 14.52 -2.05 -15.35
CA ASP A 238 14.33 -0.66 -15.77
C ASP A 238 13.81 -0.60 -17.19
N TYR A 239 13.96 -1.71 -17.91
CA TYR A 239 13.47 -1.81 -19.28
C TYR A 239 12.52 -3.00 -19.39
N PRO A 240 11.44 -2.97 -18.61
CA PRO A 240 10.56 -4.15 -18.51
C PRO A 240 9.96 -4.58 -19.85
N GLN A 241 9.64 -3.63 -20.73
CA GLN A 241 9.03 -4.04 -22.00
C GLN A 241 10.01 -4.85 -22.84
N LYS A 242 11.29 -4.50 -22.78
CA LYS A 242 12.31 -5.23 -23.53
C LYS A 242 12.42 -6.66 -23.00
N ILE A 243 12.41 -6.81 -21.68
CA ILE A 243 12.45 -8.14 -21.07
C ILE A 243 11.22 -8.94 -21.48
N GLN A 244 10.05 -8.31 -21.43
CA GLN A 244 8.82 -9.03 -21.79
C GLN A 244 8.88 -9.50 -23.23
N SER A 245 9.39 -8.65 -24.12
CA SER A 245 9.47 -9.04 -25.53
C SER A 245 10.38 -10.24 -25.71
N ALA A 246 11.46 -10.29 -24.94
CA ALA A 246 12.38 -11.43 -24.99
C ALA A 246 11.69 -12.72 -24.55
N ILE A 247 10.96 -12.65 -23.44
CA ILE A 247 10.18 -13.80 -22.97
C ILE A 247 9.22 -14.28 -24.05
N ASP A 248 8.45 -13.35 -24.59
CA ASP A 248 7.37 -13.69 -25.52
C ASP A 248 7.87 -14.23 -26.85
N SER A 249 9.08 -13.84 -27.23
CA SER A 249 9.62 -14.22 -28.54
C SER A 249 10.59 -15.39 -28.49
N HIS A 250 10.93 -15.84 -27.29
CA HIS A 250 11.95 -16.87 -27.17
C HIS A 250 11.47 -18.17 -27.81
N ILE A 251 12.27 -18.69 -28.73
CA ILE A 251 11.97 -19.95 -29.41
C ILE A 251 12.94 -21.05 -28.98
N GLY B 1 -8.24 27.61 13.23
CA GLY B 1 -8.01 26.19 13.01
C GLY B 1 -9.32 25.50 12.67
N MSE B 2 -9.33 24.18 12.72
CA MSE B 2 -10.54 23.44 12.31
C MSE B 2 -11.59 23.35 13.42
O MSE B 2 -12.80 23.33 13.14
CB MSE B 2 -10.18 22.07 11.74
CG MSE B 2 -9.71 21.06 12.73
SE MSE B 2 -9.35 19.34 11.84
CE MSE B 2 -8.71 18.37 13.40
N GLN B 3 -11.12 23.31 14.66
N GLN B 3 -11.17 23.26 14.67
CA GLN B 3 -11.99 23.30 15.83
CA GLN B 3 -12.13 23.24 15.77
C GLN B 3 -12.63 24.67 16.04
C GLN B 3 -12.67 24.64 15.99
N SER B 4 -13.76 24.73 16.76
CA SER B 4 -14.40 26.01 17.05
C SER B 4 -14.67 26.82 15.77
N ALA B 5 -15.23 26.17 14.75
CA ALA B 5 -15.42 26.84 13.46
C ALA B 5 -16.22 28.13 13.54
N TYR B 6 -17.19 28.20 14.45
CA TYR B 6 -18.02 29.41 14.53
C TYR B 6 -17.24 30.67 14.94
N SER B 7 -16.05 30.50 15.54
CA SER B 7 -15.18 31.64 15.86
C SER B 7 -14.65 32.34 14.60
N PHE B 8 -14.69 31.62 13.48
CA PHE B 8 -14.26 32.14 12.18
C PHE B 8 -15.42 32.38 11.23
N LEU B 9 -16.65 32.35 11.75
CA LEU B 9 -17.83 32.51 10.88
C LEU B 9 -17.81 33.83 10.14
N PRO B 10 -17.76 33.78 8.80
CA PRO B 10 -17.85 35.02 8.03
C PRO B 10 -19.31 35.42 7.89
N GLN B 11 -19.59 36.65 7.49
CA GLN B 11 -20.98 37.06 7.30
C GLN B 11 -21.60 36.43 6.05
N VAL B 12 -20.76 35.99 5.12
CA VAL B 12 -21.24 35.41 3.87
C VAL B 12 -20.61 34.05 3.58
N ILE B 13 -21.46 33.05 3.35
CA ILE B 13 -21.01 31.70 2.99
C ILE B 13 -21.54 31.35 1.60
N ALA B 14 -20.68 30.81 0.73
CA ALA B 14 -21.08 30.45 -0.61
C ALA B 14 -21.90 29.15 -0.62
N HIS B 15 -23.19 29.28 -0.93
CA HIS B 15 -24.14 28.17 -0.83
C HIS B 15 -23.99 27.19 -2.00
N ARG B 16 -23.50 25.99 -1.70
CA ARG B 16 -23.12 25.00 -2.72
C ARG B 16 -22.00 25.56 -3.59
N GLY B 17 -21.12 26.35 -2.96
CA GLY B 17 -20.11 27.13 -3.67
C GLY B 17 -20.76 28.39 -4.17
N SER B 18 -20.13 29.07 -5.12
N SER B 18 -20.13 29.06 -5.12
CA SER B 18 -20.75 30.21 -5.76
CA SER B 18 -20.76 30.22 -5.75
C SER B 18 -21.70 29.69 -6.84
C SER B 18 -21.70 29.70 -6.83
N SER B 19 -22.88 29.25 -6.39
CA SER B 19 -23.77 28.46 -7.23
C SER B 19 -24.77 29.26 -8.07
N GLY B 20 -24.81 30.58 -7.86
CA GLY B 20 -25.64 31.42 -8.70
C GLY B 20 -25.17 31.35 -10.14
N GLN B 21 -23.86 31.49 -10.33
CA GLN B 21 -23.24 31.46 -11.66
C GLN B 21 -22.73 30.09 -12.06
N ALA B 22 -22.00 29.43 -11.16
CA ALA B 22 -21.43 28.10 -11.44
C ALA B 22 -22.34 26.98 -10.96
N PRO B 23 -22.19 25.77 -11.54
CA PRO B 23 -23.05 24.65 -11.15
C PRO B 23 -22.86 24.30 -9.67
N GLU B 24 -23.97 24.16 -8.95
CA GLU B 24 -23.87 23.83 -7.54
C GLU B 24 -23.01 22.58 -7.27
N ASN B 25 -22.30 22.62 -6.15
CA ASN B 25 -21.59 21.43 -5.66
C ASN B 25 -20.60 20.86 -6.66
N THR B 26 -19.85 21.73 -7.33
CA THR B 26 -18.80 21.29 -8.26
C THR B 26 -17.48 21.96 -7.94
N LEU B 27 -16.39 21.41 -8.47
CA LEU B 27 -15.12 22.09 -8.31
C LEU B 27 -15.20 23.50 -8.92
N ALA B 28 -16.01 23.63 -9.98
CA ALA B 28 -16.22 24.94 -10.59
C ALA B 28 -16.84 25.97 -9.62
N SER B 29 -17.85 25.55 -8.85
CA SER B 29 -18.49 26.50 -7.94
C SER B 29 -17.60 26.82 -6.75
N LEU B 30 -16.73 25.86 -6.40
CA LEU B 30 -15.76 26.07 -5.33
C LEU B 30 -14.64 26.99 -5.79
N HIS B 31 -14.14 26.78 -7.00
CA HIS B 31 -13.16 27.69 -7.58
C HIS B 31 -13.71 29.11 -7.68
N LEU B 32 -14.98 29.25 -8.06
CA LEU B 32 -15.55 30.58 -8.21
C LEU B 32 -15.63 31.27 -6.85
N ALA B 33 -16.06 30.54 -5.83
CA ALA B 33 -16.07 31.10 -4.48
C ALA B 33 -14.67 31.55 -4.09
N GLY B 34 -13.68 30.72 -4.40
CA GLY B 34 -12.28 31.06 -4.13
C GLY B 34 -11.84 32.34 -4.83
N GLN B 35 -12.05 32.41 -6.14
CA GLN B 35 -11.68 33.58 -6.93
C GLN B 35 -12.36 34.84 -6.42
N GLN B 36 -13.58 34.69 -5.93
CA GLN B 36 -14.37 35.84 -5.49
C GLN B 36 -14.01 36.28 -4.08
N GLY B 37 -13.12 35.52 -3.44
CA GLY B 37 -12.64 35.86 -2.13
C GLY B 37 -13.64 35.58 -1.02
N ILE B 38 -14.60 34.69 -1.28
CA ILE B 38 -15.54 34.30 -0.23
C ILE B 38 -14.78 33.47 0.80
N LYS B 39 -15.07 33.70 2.09
CA LYS B 39 -14.27 33.09 3.15
C LYS B 39 -14.58 31.63 3.44
N TRP B 40 -15.85 31.25 3.30
CA TRP B 40 -16.31 29.89 3.56
C TRP B 40 -17.20 29.43 2.42
N VAL B 41 -17.23 28.12 2.19
CA VAL B 41 -18.26 27.50 1.33
C VAL B 41 -19.11 26.55 2.13
N GLU B 42 -20.34 26.33 1.68
CA GLU B 42 -21.14 25.21 2.14
C GLU B 42 -21.31 24.27 0.96
N ILE B 43 -21.17 22.96 1.20
CA ILE B 43 -21.48 21.95 0.20
C ILE B 43 -22.10 20.75 0.90
N ASP B 44 -22.82 19.94 0.15
CA ASP B 44 -23.53 18.77 0.68
C ASP B 44 -22.79 17.48 0.38
N VAL B 45 -22.77 16.57 1.35
CA VAL B 45 -22.07 15.28 1.16
C VAL B 45 -22.96 14.07 1.40
N MSE B 46 -22.76 13.02 0.59
CA MSE B 46 -23.45 11.75 0.75
C MSE B 46 -22.51 10.68 0.21
O MSE B 46 -21.35 10.99 -0.08
CB MSE B 46 -24.78 11.74 0.02
CG MSE B 46 -24.69 12.24 -1.40
SE MSE B 46 -26.47 12.24 -2.24
CE MSE B 46 -27.00 13.94 -1.87
N LEU B 47 -22.99 9.45 0.08
CA LEU B 47 -22.14 8.35 -0.37
C LEU B 47 -22.54 7.81 -1.73
N SER B 48 -21.54 7.43 -2.52
CA SER B 48 -21.76 6.68 -3.75
C SER B 48 -22.18 5.27 -3.41
N GLY B 49 -22.62 4.52 -4.42
CA GLY B 49 -22.99 3.13 -4.24
C GLY B 49 -21.90 2.30 -3.57
N ASP B 50 -20.64 2.61 -3.86
CA ASP B 50 -19.52 1.87 -3.26
C ASP B 50 -18.91 2.55 -2.03
N GLY B 51 -19.69 3.41 -1.39
CA GLY B 51 -19.35 3.96 -0.09
C GLY B 51 -18.37 5.13 -0.04
N ILE B 52 -18.18 5.81 -1.17
CA ILE B 52 -17.23 6.92 -1.22
C ILE B 52 -17.96 8.24 -1.03
N PRO B 53 -17.48 9.07 -0.08
CA PRO B 53 -18.12 10.38 0.11
C PRO B 53 -18.01 11.22 -1.15
N VAL B 54 -19.15 11.69 -1.64
CA VAL B 54 -19.21 12.56 -2.82
C VAL B 54 -20.00 13.81 -2.51
N ILE B 55 -19.79 14.85 -3.32
CA ILE B 55 -20.46 16.12 -3.10
C ILE B 55 -21.68 16.23 -4.03
N PHE B 56 -22.86 16.27 -3.42
CA PHE B 56 -24.12 16.16 -4.17
C PHE B 56 -25.28 16.46 -3.23
N HIS B 57 -26.36 17.00 -3.77
CA HIS B 57 -27.50 17.45 -2.95
C HIS B 57 -28.70 16.51 -2.93
N ASP B 58 -29.09 16.02 -4.11
CA ASP B 58 -30.28 15.17 -4.24
C ASP B 58 -29.98 13.68 -4.09
N ASP B 59 -30.99 12.91 -3.69
CA ASP B 59 -30.87 11.45 -3.68
C ASP B 59 -30.84 10.91 -5.12
N TYR B 60 -31.50 11.62 -6.03
CA TYR B 60 -31.60 11.19 -7.43
C TYR B 60 -30.68 12.02 -8.32
N LEU B 61 -30.21 11.40 -9.41
CA LEU B 61 -29.17 12.01 -10.24
C LEU B 61 -29.66 13.05 -11.26
N SER B 62 -30.93 13.02 -11.62
CA SER B 62 -31.38 13.75 -12.81
C SER B 62 -31.36 15.29 -12.75
N ARG B 63 -31.47 15.91 -11.58
CA ARG B 63 -31.54 17.37 -11.57
C ARG B 63 -30.22 18.03 -12.00
N THR B 64 -29.11 17.54 -11.47
CA THR B 64 -27.83 18.22 -11.68
C THR B 64 -26.83 17.43 -12.51
N THR B 65 -27.30 16.37 -13.15
CA THR B 65 -26.45 15.62 -14.07
C THR B 65 -27.28 15.13 -15.23
N ASP B 66 -26.62 14.47 -16.19
CA ASP B 66 -27.34 13.85 -17.30
C ASP B 66 -27.60 12.37 -17.03
N GLY B 67 -27.42 11.95 -15.77
CA GLY B 67 -27.68 10.58 -15.39
C GLY B 67 -29.06 10.39 -14.77
N ASP B 68 -29.34 9.17 -14.34
N ASP B 68 -29.35 9.17 -14.33
CA ASP B 68 -30.61 8.83 -13.70
CA ASP B 68 -30.63 8.90 -13.67
C ASP B 68 -30.39 7.83 -12.59
C ASP B 68 -30.54 7.71 -12.73
N GLY B 69 -31.33 7.75 -11.67
CA GLY B 69 -31.28 6.75 -10.62
C GLY B 69 -30.75 7.32 -9.32
N LEU B 70 -30.63 6.46 -8.31
CA LEU B 70 -30.18 6.90 -6.99
C LEU B 70 -28.66 6.98 -6.94
N ILE B 71 -28.14 8.09 -6.45
CA ILE B 71 -26.69 8.23 -6.38
C ILE B 71 -26.07 7.17 -5.45
N TYR B 72 -26.77 6.84 -4.35
CA TYR B 72 -26.22 5.86 -3.43
C TYR B 72 -26.43 4.43 -3.89
N LYS B 73 -26.94 4.27 -5.11
CA LYS B 73 -27.01 2.97 -5.76
C LYS B 73 -26.09 2.91 -6.97
N THR B 74 -25.26 3.94 -7.14
CA THR B 74 -24.41 4.07 -8.32
C THR B 74 -22.94 4.15 -7.92
N PRO B 75 -22.10 3.24 -8.44
CA PRO B 75 -20.67 3.28 -8.08
C PRO B 75 -19.97 4.54 -8.58
N LEU B 76 -18.91 4.95 -7.90
CA LEU B 76 -18.19 6.17 -8.26
C LEU B 76 -17.76 6.20 -9.73
N ALA B 77 -17.28 5.07 -10.24
CA ALA B 77 -16.80 5.04 -11.61
C ALA B 77 -17.89 5.40 -12.61
N GLU B 78 -19.12 4.98 -12.33
CA GLU B 78 -20.24 5.32 -13.18
C GLU B 78 -20.60 6.80 -13.02
N LEU B 79 -20.59 7.27 -11.77
CA LEU B 79 -20.91 8.66 -11.49
C LEU B 79 -19.98 9.61 -12.24
N LYS B 80 -18.72 9.21 -12.36
CA LYS B 80 -17.70 10.06 -12.94
C LYS B 80 -17.84 10.20 -14.46
N GLN B 81 -18.75 9.43 -15.04
N GLN B 81 -18.74 9.42 -15.06
CA GLN B 81 -19.03 9.50 -16.47
CA GLN B 81 -19.01 9.54 -16.48
C GLN B 81 -20.05 10.61 -16.76
C GLN B 81 -20.14 10.52 -16.77
N LEU B 82 -20.72 11.08 -15.72
CA LEU B 82 -21.81 12.03 -15.85
C LEU B 82 -21.33 13.49 -15.95
N ASP B 83 -22.12 14.30 -16.64
CA ASP B 83 -21.86 15.72 -16.79
C ASP B 83 -22.66 16.47 -15.72
N ALA B 84 -21.95 17.06 -14.76
CA ALA B 84 -22.61 17.78 -13.66
C ALA B 84 -22.58 19.30 -13.82
N GLY B 85 -22.31 19.77 -15.04
CA GLY B 85 -22.19 21.20 -15.27
C GLY B 85 -23.03 21.80 -16.40
N SER B 86 -23.25 21.05 -17.48
CA SER B 86 -23.87 21.62 -18.67
C SER B 86 -25.29 22.13 -18.47
N TRP B 87 -26.04 21.51 -17.56
CA TRP B 87 -27.38 22.00 -17.26
C TRP B 87 -27.33 23.45 -16.81
N LYS B 88 -26.21 23.85 -16.21
CA LYS B 88 -26.06 25.21 -15.69
C LYS B 88 -25.54 26.13 -16.78
N GLY B 89 -24.54 25.65 -17.50
CA GLY B 89 -23.96 26.38 -18.62
C GLY B 89 -22.99 25.51 -19.37
N GLN B 90 -23.00 25.61 -20.69
CA GLN B 90 -22.08 24.81 -21.50
C GLN B 90 -20.61 25.06 -21.12
N GLU B 91 -20.30 26.24 -20.60
CA GLU B 91 -18.91 26.54 -20.21
C GLU B 91 -18.43 25.62 -19.07
N TYR B 92 -19.37 24.92 -18.44
CA TYR B 92 -19.05 24.02 -17.35
C TYR B 92 -19.16 22.55 -17.74
N GLN B 93 -19.09 22.28 -19.04
CA GLN B 93 -19.28 20.92 -19.55
C GLN B 93 -18.33 19.91 -18.93
N GLN B 94 -17.14 20.36 -18.55
CA GLN B 94 -16.11 19.47 -18.02
C GLN B 94 -16.32 19.07 -16.55
N GLU B 95 -17.34 19.64 -15.90
CA GLU B 95 -17.55 19.36 -14.48
C GLU B 95 -18.14 17.98 -14.18
N THR B 96 -17.56 17.32 -13.18
CA THR B 96 -18.06 16.04 -12.70
C THR B 96 -18.49 16.15 -11.24
N ILE B 97 -19.18 15.13 -10.75
CA ILE B 97 -19.52 15.06 -9.34
C ILE B 97 -18.20 14.87 -8.58
N PRO B 98 -17.85 15.81 -7.69
CA PRO B 98 -16.56 15.66 -7.00
C PRO B 98 -16.65 14.66 -5.87
N THR B 99 -15.57 13.94 -5.59
CA THR B 99 -15.48 13.26 -4.30
C THR B 99 -15.23 14.33 -3.25
N LEU B 100 -15.54 14.02 -2.00
CA LEU B 100 -15.21 14.94 -0.91
C LEU B 100 -13.73 15.28 -0.93
N LEU B 101 -12.89 14.27 -1.15
CA LEU B 101 -11.45 14.50 -1.25
C LEU B 101 -11.11 15.55 -2.31
N GLU B 102 -11.69 15.42 -3.50
CA GLU B 102 -11.43 16.40 -4.55
C GLU B 102 -11.87 17.81 -4.16
N ALA B 103 -13.01 17.89 -3.48
CA ALA B 103 -13.52 19.19 -3.03
C ALA B 103 -12.57 19.81 -2.02
N ILE B 104 -12.09 18.99 -1.08
CA ILE B 104 -11.15 19.47 -0.06
C ILE B 104 -9.91 20.08 -0.70
N GLU B 105 -9.40 19.44 -1.75
CA GLU B 105 -8.23 19.95 -2.45
C GLU B 105 -8.43 21.38 -2.94
N VAL B 106 -9.57 21.65 -3.57
CA VAL B 106 -9.86 22.97 -4.09
C VAL B 106 -10.15 23.99 -2.99
N ILE B 107 -10.93 23.59 -2.00
CA ILE B 107 -11.21 24.50 -0.90
C ILE B 107 -9.91 24.94 -0.19
N SER B 108 -9.03 23.99 0.05
N SER B 108 -9.00 24.00 0.04
CA SER B 108 -7.75 24.27 0.70
CA SER B 108 -7.76 24.32 0.73
C SER B 108 -6.92 25.26 -0.11
C SER B 108 -6.84 25.21 -0.11
N GLN B 109 -6.94 25.10 -1.43
CA GLN B 109 -6.19 25.95 -2.34
C GLN B 109 -6.38 27.44 -2.03
N TYR B 110 -7.60 27.80 -1.62
CA TYR B 110 -7.93 29.21 -1.38
C TYR B 110 -7.97 29.55 0.11
N GLY B 111 -7.68 28.55 0.94
CA GLY B 111 -7.69 28.72 2.37
C GLY B 111 -9.05 29.01 2.95
N MSE B 112 -10.09 28.45 2.33
CA MSE B 112 -11.45 28.70 2.79
C MSE B 112 -11.90 27.71 3.86
O MSE B 112 -11.41 26.58 3.95
CB MSE B 112 -12.43 28.63 1.61
CG MSE B 112 -12.27 29.78 0.61
SE MSE B 112 -13.59 29.76 -0.80
CE MSE B 112 -13.10 28.09 -1.68
N GLY B 113 -12.86 28.16 4.68
CA GLY B 113 -13.50 27.28 5.64
C GLY B 113 -14.56 26.47 4.92
N LEU B 114 -14.92 25.34 5.51
CA LEU B 114 -15.90 24.43 4.93
C LEU B 114 -16.99 24.12 5.94
N ASN B 115 -18.23 24.51 5.60
CA ASN B 115 -19.42 23.99 6.26
C ASN B 115 -19.91 22.84 5.40
N LEU B 116 -19.64 21.62 5.86
CA LEU B 116 -20.07 20.42 5.16
C LEU B 116 -21.40 20.00 5.72
N GLU B 117 -22.45 20.09 4.89
CA GLU B 117 -23.75 19.62 5.30
C GLU B 117 -23.86 18.13 5.03
N LEU B 118 -24.11 17.38 6.10
CA LEU B 118 -24.29 15.95 6.04
C LEU B 118 -25.68 15.65 5.50
N LYS B 119 -25.73 15.08 4.30
CA LYS B 119 -26.99 14.80 3.60
C LYS B 119 -27.11 13.31 3.29
N PRO B 120 -27.06 12.47 4.34
CA PRO B 120 -27.09 11.01 4.13
C PRO B 120 -28.42 10.50 3.57
N CYS B 121 -28.32 9.41 2.83
CA CYS B 121 -29.45 8.53 2.55
C CYS B 121 -30.08 8.17 3.89
N GLU B 122 -31.39 8.39 4.04
CA GLU B 122 -32.05 8.11 5.31
C GLU B 122 -31.88 6.64 5.67
N GLY B 123 -31.39 6.38 6.88
CA GLY B 123 -31.07 5.02 7.29
C GLY B 123 -29.59 4.70 7.24
N LEU B 124 -28.84 5.46 6.47
CA LEU B 124 -27.40 5.24 6.33
C LEU B 124 -26.59 6.38 6.93
N GLU B 125 -27.12 6.98 7.99
CA GLU B 125 -26.49 8.13 8.61
C GLU B 125 -25.13 7.80 9.23
N GLU B 126 -25.07 6.74 10.02
CA GLU B 126 -23.81 6.39 10.68
C GLU B 126 -22.72 6.08 9.66
N GLU B 127 -23.06 5.30 8.63
CA GLU B 127 -22.08 4.95 7.60
C GLU B 127 -21.58 6.17 6.84
N THR B 128 -22.48 7.11 6.57
CA THR B 128 -22.14 8.30 5.78
C THR B 128 -21.20 9.22 6.57
N ILE B 129 -21.52 9.41 7.84
CA ILE B 129 -20.69 10.27 8.70
C ILE B 129 -19.33 9.62 8.93
N ALA B 130 -19.32 8.32 9.19
CA ALA B 130 -18.06 7.60 9.42
C ALA B 130 -17.11 7.72 8.22
N ALA B 131 -17.63 7.48 7.02
CA ALA B 131 -16.83 7.58 5.81
C ALA B 131 -16.33 9.01 5.57
N SER B 132 -17.19 10.00 5.85
CA SER B 132 -16.82 11.39 5.67
C SER B 132 -15.74 11.81 6.65
N VAL B 133 -15.90 11.37 7.90
CA VAL B 133 -14.92 11.67 8.94
C VAL B 133 -13.57 11.04 8.60
N GLU B 134 -13.59 9.85 8.01
CA GLU B 134 -12.35 9.19 7.61
C GLU B 134 -11.56 10.06 6.64
N VAL B 135 -12.25 10.57 5.61
CA VAL B 135 -11.61 11.42 4.62
C VAL B 135 -11.09 12.70 5.27
N LEU B 136 -11.94 13.34 6.08
CA LEU B 136 -11.57 14.63 6.68
C LEU B 136 -10.42 14.50 7.68
N LYS B 137 -10.44 13.45 8.49
CA LYS B 137 -9.37 13.28 9.48
C LYS B 137 -8.02 13.08 8.80
N GLN B 138 -8.05 12.53 7.60
CA GLN B 138 -6.84 12.32 6.82
C GLN B 138 -6.41 13.55 6.00
N HIS B 139 -7.36 14.31 5.49
CA HIS B 139 -7.04 15.34 4.49
C HIS B 139 -7.45 16.77 4.82
N TRP B 140 -8.28 16.98 5.83
CA TRP B 140 -8.72 18.35 6.09
C TRP B 140 -7.61 19.10 6.82
N PRO B 141 -7.18 20.25 6.27
CA PRO B 141 -6.08 21.00 6.90
C PRO B 141 -6.44 21.50 8.30
N GLN B 142 -5.55 21.28 9.27
CA GLN B 142 -5.81 21.66 10.64
C GLN B 142 -5.90 23.16 10.83
N ASP B 143 -5.45 23.92 9.84
CA ASP B 143 -5.49 25.39 9.94
C ASP B 143 -6.72 26.04 9.30
N LEU B 144 -7.70 25.23 8.88
CA LEU B 144 -8.90 25.77 8.26
C LEU B 144 -10.16 25.34 9.02
N PRO B 145 -11.12 26.26 9.18
CA PRO B 145 -12.33 25.92 9.95
C PRO B 145 -13.19 24.86 9.26
N LEU B 146 -13.70 23.93 10.05
CA LEU B 146 -14.63 22.90 9.56
C LEU B 146 -15.89 22.90 10.41
N LEU B 147 -17.05 23.03 9.76
CA LEU B 147 -18.31 23.02 10.47
C LEU B 147 -19.24 21.94 9.88
N PHE B 148 -19.67 20.98 10.69
CA PHE B 148 -20.67 20.01 10.25
C PHE B 148 -22.04 20.60 10.49
N SER B 149 -22.97 20.30 9.59
CA SER B 149 -24.37 20.62 9.85
C SER B 149 -25.27 19.60 9.20
N SER B 150 -26.53 19.57 9.61
CA SER B 150 -27.50 18.65 9.02
C SER B 150 -28.93 18.97 9.43
N PHE B 151 -29.88 18.62 8.55
CA PHE B 151 -31.29 18.58 8.93
C PHE B 151 -31.62 17.29 9.68
N ASN B 152 -30.76 16.29 9.52
CA ASN B 152 -31.02 14.92 9.95
C ASN B 152 -30.54 14.67 11.39
N TYR B 153 -31.45 14.29 12.27
CA TYR B 153 -31.15 14.03 13.67
C TYR B 153 -30.01 13.02 13.87
N PHE B 154 -30.15 11.87 13.23
CA PHE B 154 -29.16 10.82 13.38
C PHE B 154 -27.79 11.21 12.81
N ALA B 155 -27.79 12.02 11.76
CA ALA B 155 -26.53 12.54 11.25
C ALA B 155 -25.79 13.39 12.29
N LEU B 156 -26.53 14.24 13.00
CA LEU B 156 -25.91 15.10 14.03
C LEU B 156 -25.44 14.29 15.22
N VAL B 157 -26.21 13.28 15.61
CA VAL B 157 -25.81 12.42 16.72
C VAL B 157 -24.53 11.70 16.34
N SER B 158 -24.47 11.18 15.11
N SER B 158 -24.47 11.16 15.12
CA SER B 158 -23.30 10.46 14.63
CA SER B 158 -23.29 10.47 14.64
C SER B 158 -22.07 11.36 14.50
C SER B 158 -22.07 11.38 14.53
N ALA B 159 -22.27 12.59 14.05
CA ALA B 159 -21.19 13.55 13.94
C ALA B 159 -20.54 13.77 15.31
N LYS B 160 -21.36 13.97 16.32
N LYS B 160 -21.35 13.96 16.34
CA LYS B 160 -20.86 14.17 17.68
CA LYS B 160 -20.79 14.18 17.67
C LYS B 160 -20.09 12.93 18.14
C LYS B 160 -20.14 12.93 18.24
N ALA B 161 -20.66 11.76 17.88
CA ALA B 161 -20.07 10.49 18.29
C ALA B 161 -18.70 10.27 17.66
N LEU B 162 -18.60 10.50 16.35
CA LEU B 162 -17.41 10.09 15.61
C LEU B 162 -16.32 11.17 15.56
N TRP B 163 -16.68 12.40 15.87
CA TRP B 163 -15.68 13.47 15.86
C TRP B 163 -16.20 14.66 16.66
N PRO B 164 -16.31 14.49 17.99
CA PRO B 164 -16.92 15.48 18.87
C PRO B 164 -16.27 16.88 18.83
N GLU B 165 -14.99 16.98 18.52
CA GLU B 165 -14.30 18.27 18.54
C GLU B 165 -14.71 19.22 17.41
N ILE B 166 -15.39 18.70 16.40
CA ILE B 166 -15.80 19.55 15.27
C ILE B 166 -17.16 20.16 15.55
N ALA B 167 -17.25 21.48 15.41
CA ALA B 167 -18.47 22.21 15.70
C ALA B 167 -19.63 21.71 14.84
N ARG B 168 -20.84 21.77 15.39
CA ARG B 168 -22.03 21.31 14.69
C ARG B 168 -23.11 22.38 14.61
N GLY B 169 -23.79 22.44 13.46
CA GLY B 169 -24.96 23.28 13.31
C GLY B 169 -26.22 22.47 13.01
N TYR B 170 -27.32 22.85 13.63
CA TYR B 170 -28.62 22.20 13.40
C TYR B 170 -29.38 22.97 12.32
N ASN B 171 -29.62 22.32 11.18
CA ASN B 171 -30.39 22.95 10.10
C ASN B 171 -31.88 22.72 10.30
N VAL B 172 -32.65 23.79 10.19
CA VAL B 172 -34.11 23.71 10.17
C VAL B 172 -34.64 24.65 9.09
N SER B 173 -35.94 24.56 8.82
CA SER B 173 -36.59 25.63 8.06
C SER B 173 -37.12 26.65 9.06
N ALA B 174 -38.09 26.23 9.87
CA ALA B 174 -38.63 27.08 10.94
C ALA B 174 -37.83 26.97 12.24
N ILE B 175 -37.79 28.05 13.01
CA ILE B 175 -37.19 27.98 14.34
C ILE B 175 -38.09 27.16 15.24
N PRO B 176 -37.58 26.05 15.79
CA PRO B 176 -38.44 25.24 16.65
C PRO B 176 -38.81 25.99 17.93
N SER B 177 -40.05 25.81 18.39
CA SER B 177 -40.42 26.33 19.70
C SER B 177 -39.44 25.78 20.74
N ALA B 178 -39.05 24.51 20.58
CA ALA B 178 -38.12 23.85 21.50
C ALA B 178 -36.66 23.96 21.09
N TRP B 179 -36.28 25.09 20.50
CA TRP B 179 -34.92 25.24 19.98
C TRP B 179 -33.85 25.02 21.04
N GLN B 180 -34.10 25.48 22.26
CA GLN B 180 -33.07 25.40 23.28
C GLN B 180 -32.84 23.96 23.72
N GLU B 181 -33.94 23.27 24.01
CA GLU B 181 -33.90 21.86 24.34
C GLU B 181 -33.14 21.08 23.28
N ARG B 182 -33.42 21.38 22.01
CA ARG B 182 -32.83 20.63 20.90
C ARG B 182 -31.36 20.95 20.68
N LEU B 183 -30.99 22.22 20.79
CA LEU B 183 -29.60 22.61 20.61
C LEU B 183 -28.75 22.03 21.72
N GLU B 184 -29.31 21.96 22.92
CA GLU B 184 -28.59 21.35 24.03
C GLU B 184 -28.46 19.84 23.84
N HIS B 185 -29.55 19.19 23.45
CA HIS B 185 -29.58 17.75 23.21
C HIS B 185 -28.62 17.32 22.10
N LEU B 186 -28.63 18.05 21.00
CA LEU B 186 -27.77 17.75 19.85
C LEU B 186 -26.40 18.39 20.00
N ASP B 187 -26.25 19.22 21.04
CA ASP B 187 -24.98 19.89 21.30
C ASP B 187 -24.47 20.59 20.04
N CYS B 188 -25.32 21.42 19.46
CA CYS B 188 -24.97 22.23 18.30
C CYS B 188 -24.72 23.65 18.76
N ALA B 189 -23.73 24.30 18.17
CA ALA B 189 -23.35 25.65 18.56
C ALA B 189 -24.03 26.71 17.69
N GLY B 190 -24.76 26.27 16.67
CA GLY B 190 -25.48 27.19 15.80
C GLY B 190 -26.78 26.60 15.29
N LEU B 191 -27.72 27.48 14.95
CA LEU B 191 -28.97 27.08 14.31
C LEU B 191 -29.01 27.73 12.93
N HIS B 192 -29.23 26.92 11.88
CA HIS B 192 -29.27 27.43 10.52
C HIS B 192 -30.70 27.32 10.03
N ILE B 193 -31.30 28.45 9.67
CA ILE B 193 -32.73 28.50 9.38
C ILE B 193 -33.04 29.02 7.98
N HIS B 194 -34.27 28.79 7.53
CA HIS B 194 -34.71 29.34 6.26
C HIS B 194 -35.10 30.82 6.43
N GLN B 195 -34.67 31.67 5.51
CA GLN B 195 -34.86 33.12 5.63
C GLN B 195 -36.30 33.57 5.92
N SER B 196 -37.28 32.82 5.41
CA SER B 196 -38.66 33.26 5.51
C SER B 196 -39.20 33.01 6.90
N PHE B 197 -38.41 32.34 7.74
CA PHE B 197 -38.83 32.01 9.10
C PHE B 197 -38.04 32.77 10.16
N PHE B 198 -37.28 33.77 9.74
CA PHE B 198 -36.56 34.61 10.69
C PHE B 198 -37.58 35.28 11.64
N ASP B 199 -37.37 35.12 12.94
CA ASP B 199 -38.22 35.72 13.96
C ASP B 199 -37.32 36.43 14.97
N VAL B 200 -37.39 37.75 15.00
CA VAL B 200 -36.40 38.51 15.74
C VAL B 200 -36.45 38.25 17.24
N GLN B 201 -37.65 37.99 17.78
CA GLN B 201 -37.78 37.71 19.21
C GLN B 201 -37.08 36.40 19.60
N GLN B 202 -37.28 35.36 18.80
CA GLN B 202 -36.59 34.09 19.01
C GLN B 202 -35.08 34.23 18.79
N VAL B 203 -34.70 34.85 17.69
CA VAL B 203 -33.28 35.03 17.38
C VAL B 203 -32.56 35.78 18.52
N SER B 204 -33.21 36.79 19.09
CA SER B 204 -32.61 37.53 20.20
C SER B 204 -32.29 36.61 21.37
N ASP B 205 -33.22 35.70 21.67
CA ASP B 205 -33.05 34.71 22.74
C ASP B 205 -31.94 33.73 22.44
N ILE B 206 -31.90 33.25 21.20
CA ILE B 206 -30.90 32.29 20.76
C ILE B 206 -29.49 32.89 20.87
N LYS B 207 -29.36 34.15 20.48
N LYS B 207 -29.36 34.16 20.49
CA LYS B 207 -28.08 34.86 20.59
CA LYS B 207 -28.07 34.84 20.59
C LYS B 207 -27.70 35.04 22.05
C LYS B 207 -27.69 35.07 22.04
N ALA B 208 -28.66 35.46 22.86
CA ALA B 208 -28.42 35.67 24.28
C ALA B 208 -27.95 34.37 24.93
N ALA B 209 -28.45 33.25 24.44
CA ALA B 209 -28.12 31.94 24.99
C ALA B 209 -26.76 31.43 24.52
N GLY B 210 -26.14 32.19 23.61
CA GLY B 210 -24.77 31.90 23.19
C GLY B 210 -24.61 31.20 21.85
N TYR B 211 -25.71 31.01 21.13
CA TYR B 211 -25.65 30.30 19.86
C TYR B 211 -25.52 31.25 18.69
N LYS B 212 -24.97 30.74 17.58
CA LYS B 212 -24.96 31.48 16.33
C LYS B 212 -26.25 31.22 15.57
N VAL B 213 -26.70 32.20 14.79
CA VAL B 213 -27.86 32.02 13.95
C VAL B 213 -27.49 32.36 12.51
N LEU B 214 -27.78 31.43 11.59
CA LEU B 214 -27.47 31.62 10.16
C LEU B 214 -28.75 31.41 9.37
N ALA B 215 -28.81 31.97 8.16
CA ALA B 215 -29.99 31.80 7.31
C ALA B 215 -29.63 31.55 5.85
N PHE B 216 -30.43 30.70 5.21
CA PHE B 216 -30.31 30.37 3.79
C PHE B 216 -31.68 30.54 3.17
N THR B 217 -31.77 30.77 1.86
CA THR B 217 -30.64 31.15 1.03
C THR B 217 -30.91 32.58 0.61
N ILE B 218 -30.00 33.49 0.93
CA ILE B 218 -30.25 34.92 0.70
C ILE B 218 -29.44 35.46 -0.47
N ASN B 219 -30.16 35.90 -1.50
CA ASN B 219 -29.55 36.40 -2.71
C ASN B 219 -29.83 37.89 -2.91
N ASP B 220 -30.61 38.46 -2.00
CA ASP B 220 -30.96 39.87 -2.07
C ASP B 220 -30.19 40.66 -1.02
N GLU B 221 -29.45 41.68 -1.48
CA GLU B 221 -28.54 42.43 -0.63
C GLU B 221 -29.28 43.14 0.51
N SER B 222 -30.44 43.71 0.20
CA SER B 222 -31.20 44.47 1.18
C SER B 222 -31.66 43.59 2.32
N LEU B 223 -32.14 42.39 1.98
CA LEU B 223 -32.58 41.45 3.00
C LEU B 223 -31.41 41.03 3.89
N ALA B 224 -30.27 40.74 3.29
CA ALA B 224 -29.09 40.38 4.05
C ALA B 224 -28.73 41.47 5.07
N LEU B 225 -28.67 42.71 4.59
CA LEU B 225 -28.33 43.85 5.45
C LEU B 225 -29.32 44.03 6.59
N LYS B 226 -30.60 43.88 6.28
CA LYS B 226 -31.66 43.97 7.30
C LYS B 226 -31.45 42.90 8.37
N LEU B 227 -31.23 41.66 7.94
CA LEU B 227 -31.11 40.56 8.90
C LEU B 227 -29.88 40.67 9.78
N TYR B 228 -28.75 41.12 9.21
CA TYR B 228 -27.55 41.35 10.02
C TYR B 228 -27.87 42.31 11.16
N ASN B 229 -28.65 43.35 10.83
CA ASN B 229 -28.99 44.38 11.81
C ASN B 229 -29.86 43.83 12.92
N GLN B 230 -30.55 42.73 12.64
CA GLN B 230 -31.44 42.10 13.61
C GLN B 230 -30.81 40.89 14.28
N GLY B 231 -29.50 40.74 14.10
CA GLY B 231 -28.75 39.75 14.86
C GLY B 231 -28.32 38.51 14.10
N LEU B 232 -28.65 38.44 12.81
CA LEU B 232 -28.23 37.30 12.00
C LEU B 232 -26.71 37.31 11.86
N ASP B 233 -26.06 36.16 12.06
CA ASP B 233 -24.61 36.10 12.05
C ASP B 233 -24.02 35.88 10.66
N ALA B 234 -24.74 35.15 9.81
CA ALA B 234 -24.26 34.87 8.46
C ALA B 234 -25.39 34.43 7.56
N VAL B 235 -25.24 34.70 6.26
CA VAL B 235 -26.17 34.16 5.29
C VAL B 235 -25.45 33.13 4.44
N PHE B 236 -26.21 32.18 3.92
CA PHE B 236 -25.76 31.34 2.81
C PHE B 236 -26.35 32.00 1.55
N SER B 237 -25.50 32.25 0.56
CA SER B 237 -25.93 32.93 -0.67
C SER B 237 -25.41 32.24 -1.91
N ASP B 238 -26.22 32.24 -2.98
CA ASP B 238 -25.80 31.74 -4.28
C ASP B 238 -25.01 32.83 -5.00
N TYR B 239 -25.13 34.06 -4.50
CA TYR B 239 -24.39 35.21 -5.04
C TYR B 239 -23.60 35.91 -3.94
N PRO B 240 -22.66 35.18 -3.33
CA PRO B 240 -21.93 35.67 -2.16
C PRO B 240 -21.16 36.97 -2.43
N GLN B 241 -20.60 37.12 -3.63
CA GLN B 241 -19.87 38.34 -3.95
C GLN B 241 -20.78 39.57 -3.93
N LYS B 242 -22.02 39.40 -4.39
CA LYS B 242 -22.98 40.49 -4.41
C LYS B 242 -23.33 40.93 -2.99
N ILE B 243 -23.53 39.96 -2.10
CA ILE B 243 -23.82 40.26 -0.71
C ILE B 243 -22.65 40.97 -0.05
N GLN B 244 -21.43 40.49 -0.33
CA GLN B 244 -20.26 41.08 0.31
C GLN B 244 -20.07 42.53 -0.13
N SER B 245 -20.34 42.79 -1.40
CA SER B 245 -20.22 44.14 -1.94
C SER B 245 -21.20 45.08 -1.25
N ALA B 246 -22.36 44.54 -0.91
CA ALA B 246 -23.38 45.30 -0.19
C ALA B 246 -22.86 45.64 1.21
N ILE B 247 -22.36 44.63 1.91
CA ILE B 247 -21.79 44.82 3.24
C ILE B 247 -20.70 45.89 3.21
N ASP B 248 -19.75 45.72 2.30
CA ASP B 248 -18.59 46.61 2.24
C ASP B 248 -18.95 48.06 1.94
N SER B 249 -20.01 48.27 1.18
CA SER B 249 -20.42 49.62 0.80
C SER B 249 -21.25 50.27 1.92
N HIS B 250 -21.51 49.50 2.98
CA HIS B 250 -22.31 49.98 4.11
C HIS B 250 -23.73 50.31 3.69
N GLN C 3 -13.66 -11.20 -24.71
CA GLN C 3 -12.89 -12.43 -24.90
C GLN C 3 -13.51 -13.62 -24.18
N SER C 4 -13.31 -14.81 -24.75
CA SER C 4 -13.75 -16.04 -24.12
C SER C 4 -13.06 -16.24 -22.78
N ALA C 5 -13.83 -16.59 -21.76
CA ALA C 5 -13.26 -16.90 -20.46
C ALA C 5 -12.15 -17.94 -20.52
N TYR C 6 -12.24 -18.87 -21.47
CA TYR C 6 -11.22 -19.92 -21.57
C TYR C 6 -9.84 -19.37 -21.91
N SER C 7 -9.80 -18.18 -22.49
N SER C 7 -9.81 -18.16 -22.47
CA SER C 7 -8.52 -17.54 -22.77
CA SER C 7 -8.54 -17.50 -22.77
C SER C 7 -7.80 -17.19 -21.47
C SER C 7 -7.86 -16.97 -21.51
N PHE C 8 -8.55 -17.09 -20.38
CA PHE C 8 -8.02 -16.66 -19.09
C PHE C 8 -8.03 -17.79 -18.07
N LEU C 9 -8.21 -19.03 -18.54
CA LEU C 9 -8.35 -20.19 -17.66
C LEU C 9 -7.10 -20.45 -16.83
N PRO C 10 -7.24 -20.40 -15.50
CA PRO C 10 -6.11 -20.74 -14.62
C PRO C 10 -6.01 -22.25 -14.42
N GLN C 11 -4.89 -22.70 -13.89
CA GLN C 11 -4.70 -24.13 -13.64
C GLN C 11 -5.53 -24.63 -12.47
N VAL C 12 -5.89 -23.73 -11.56
CA VAL C 12 -6.59 -24.14 -10.34
C VAL C 12 -7.87 -23.34 -10.13
N ILE C 13 -8.98 -24.05 -9.96
CA ILE C 13 -10.27 -23.40 -9.73
C ILE C 13 -10.82 -23.88 -8.38
N ALA C 14 -11.27 -22.95 -7.54
CA ALA C 14 -11.76 -23.30 -6.22
C ALA C 14 -13.16 -23.90 -6.28
N HIS C 15 -13.25 -25.19 -6.01
CA HIS C 15 -14.50 -25.96 -6.16
C HIS C 15 -15.50 -25.66 -5.04
N ARG C 16 -16.57 -24.94 -5.39
CA ARG C 16 -17.54 -24.42 -4.42
C ARG C 16 -16.86 -23.44 -3.48
N GLY C 17 -15.93 -22.67 -4.03
CA GLY C 17 -15.03 -21.83 -3.24
C GLY C 17 -13.92 -22.68 -2.63
N SER C 18 -13.23 -22.14 -1.62
N SER C 18 -13.25 -22.14 -1.61
CA SER C 18 -12.23 -22.94 -0.91
CA SER C 18 -12.25 -22.89 -0.88
C SER C 18 -12.98 -23.77 0.11
C SER C 18 -13.00 -23.76 0.12
N SER C 19 -13.58 -24.85 -0.39
CA SER C 19 -14.55 -25.62 0.37
C SER C 19 -13.95 -26.69 1.27
N GLY C 20 -12.65 -26.90 1.16
CA GLY C 20 -11.99 -27.86 2.03
C GLY C 20 -12.02 -27.36 3.45
N GLN C 21 -11.75 -26.07 3.61
CA GLN C 21 -11.68 -25.45 4.93
C GLN C 21 -12.96 -24.69 5.30
N ALA C 22 -13.53 -23.98 4.33
CA ALA C 22 -14.76 -23.20 4.57
C ALA C 22 -15.98 -23.94 4.00
N PRO C 23 -17.19 -23.59 4.49
CA PRO C 23 -18.35 -24.35 4.02
C PRO C 23 -18.62 -24.14 2.53
N GLU C 24 -18.79 -25.22 1.79
CA GLU C 24 -19.00 -25.13 0.36
C GLU C 24 -20.10 -24.14 -0.02
N ASN C 25 -19.89 -23.44 -1.12
CA ASN C 25 -20.93 -22.60 -1.71
C ASN C 25 -21.46 -21.50 -0.76
N THR C 26 -20.58 -20.87 -0.01
CA THR C 26 -20.97 -19.78 0.87
C THR C 26 -20.09 -18.56 0.61
N LEU C 27 -20.52 -17.41 1.11
CA LEU C 27 -19.66 -16.25 1.01
C LEU C 27 -18.35 -16.52 1.76
N ALA C 28 -18.40 -17.31 2.83
CA ALA C 28 -17.17 -17.65 3.55
C ALA C 28 -16.15 -18.37 2.67
N SER C 29 -16.62 -19.33 1.88
CA SER C 29 -15.72 -20.10 1.03
C SER C 29 -15.23 -19.26 -0.14
N LEU C 30 -16.02 -18.27 -0.55
CA LEU C 30 -15.62 -17.37 -1.63
C LEU C 30 -14.60 -16.37 -1.12
N HIS C 31 -14.85 -15.81 0.07
CA HIS C 31 -13.84 -14.96 0.70
C HIS C 31 -12.52 -15.70 0.88
N LEU C 32 -12.59 -16.95 1.33
CA LEU C 32 -11.37 -17.69 1.58
C LEU C 32 -10.59 -17.93 0.27
N ALA C 33 -11.29 -18.30 -0.81
CA ALA C 33 -10.62 -18.45 -2.10
C ALA C 33 -9.96 -17.12 -2.51
N GLY C 34 -10.70 -16.02 -2.30
CA GLY C 34 -10.16 -14.71 -2.64
C GLY C 34 -8.89 -14.41 -1.86
N GLN C 35 -8.93 -14.65 -0.56
N GLN C 35 -8.96 -14.61 -0.55
CA GLN C 35 -7.81 -14.33 0.32
CA GLN C 35 -7.83 -14.36 0.34
C GLN C 35 -6.62 -15.25 0.11
C GLN C 35 -6.62 -15.18 -0.07
N GLN C 36 -6.88 -16.44 -0.43
CA GLN C 36 -5.81 -17.39 -0.76
C GLN C 36 -5.20 -17.13 -2.13
N GLY C 37 -5.71 -16.11 -2.82
CA GLY C 37 -5.21 -15.76 -4.15
C GLY C 37 -5.58 -16.75 -5.24
N ILE C 38 -6.68 -17.47 -5.09
CA ILE C 38 -7.12 -18.37 -6.15
C ILE C 38 -7.74 -17.52 -7.26
N LYS C 39 -7.46 -17.85 -8.52
CA LYS C 39 -7.80 -16.95 -9.61
C LYS C 39 -9.25 -17.02 -10.05
N TRP C 40 -9.83 -18.22 -9.97
CA TRP C 40 -11.24 -18.42 -10.30
C TRP C 40 -11.92 -19.27 -9.24
N VAL C 41 -13.24 -19.12 -9.12
CA VAL C 41 -14.05 -20.06 -8.35
C VAL C 41 -15.05 -20.77 -9.25
N GLU C 42 -15.50 -21.93 -8.78
CA GLU C 42 -16.67 -22.60 -9.33
C GLU C 42 -17.72 -22.63 -8.23
N ILE C 43 -18.96 -22.28 -8.58
CA ILE C 43 -20.09 -22.46 -7.67
C ILE C 43 -21.30 -22.94 -8.48
N ASP C 44 -22.26 -23.55 -7.80
CA ASP C 44 -23.44 -24.11 -8.45
C ASP C 44 -24.66 -23.21 -8.25
N VAL C 45 -25.45 -23.05 -9.31
CA VAL C 45 -26.65 -22.21 -9.23
C VAL C 45 -27.94 -22.95 -9.60
N MSE C 46 -29.00 -22.61 -8.88
N MSE C 46 -29.02 -22.62 -8.89
CA MSE C 46 -30.34 -23.15 -9.12
CA MSE C 46 -30.35 -23.04 -9.29
C MSE C 46 -31.33 -22.15 -8.54
C MSE C 46 -31.32 -22.03 -8.74
O MSE C 46 -30.94 -21.26 -7.80
O MSE C 46 -30.90 -21.00 -8.19
CB MSE C 46 -30.47 -24.51 -8.44
CB MSE C 46 -30.68 -24.43 -8.73
CG MSE C 46 -30.23 -24.47 -6.94
CG MSE C 46 -30.71 -24.49 -7.21
SE MSE C 46 -30.14 -26.23 -6.08
SE MSE C 46 -28.94 -24.82 -6.47
CE MSE C 46 -28.73 -27.04 -7.15
CE MSE C 46 -28.91 -26.77 -6.68
N LEU C 47 -32.61 -22.29 -8.87
CA LEU C 47 -33.61 -21.35 -8.35
C LEU C 47 -34.24 -21.81 -7.04
N SER C 48 -34.50 -20.86 -6.15
CA SER C 48 -35.31 -21.13 -4.96
C SER C 48 -36.76 -21.41 -5.38
N GLY C 49 -37.60 -21.73 -4.42
CA GLY C 49 -38.99 -22.05 -4.72
C GLY C 49 -39.72 -20.87 -5.35
N ASP C 50 -39.29 -19.66 -5.00
CA ASP C 50 -39.88 -18.44 -5.55
C ASP C 50 -39.10 -17.85 -6.73
N GLY C 51 -38.14 -18.63 -7.27
CA GLY C 51 -37.52 -18.29 -8.52
C GLY C 51 -36.27 -17.42 -8.46
N ILE C 52 -35.64 -17.32 -7.31
CA ILE C 52 -34.43 -16.49 -7.17
C ILE C 52 -33.19 -17.37 -7.36
N PRO C 53 -32.23 -16.93 -8.18
CA PRO C 53 -30.99 -17.70 -8.31
C PRO C 53 -30.23 -17.73 -6.98
N VAL C 54 -30.00 -18.95 -6.47
CA VAL C 54 -29.23 -19.17 -5.24
C VAL C 54 -28.09 -20.14 -5.47
N ILE C 55 -27.10 -20.08 -4.58
CA ILE C 55 -25.88 -20.88 -4.71
C ILE C 55 -25.92 -22.06 -3.72
N PHE C 56 -25.98 -23.27 -4.27
CA PHE C 56 -26.23 -24.48 -3.50
C PHE C 56 -26.01 -25.68 -4.41
N HIS C 57 -25.58 -26.80 -3.84
CA HIS C 57 -25.27 -27.97 -4.66
C HIS C 57 -26.36 -29.05 -4.70
N ASP C 58 -26.77 -29.53 -3.54
CA ASP C 58 -27.70 -30.66 -3.45
C ASP C 58 -29.15 -30.29 -3.77
N ASP C 59 -29.94 -31.31 -4.11
CA ASP C 59 -31.38 -31.15 -4.26
C ASP C 59 -32.03 -30.87 -2.91
N TYR C 60 -31.52 -31.53 -1.88
CA TYR C 60 -32.08 -31.41 -0.53
C TYR C 60 -31.20 -30.61 0.41
N LEU C 61 -31.82 -30.05 1.45
CA LEU C 61 -31.16 -29.07 2.30
C LEU C 61 -30.36 -29.64 3.46
N SER C 62 -30.56 -30.92 3.78
CA SER C 62 -30.03 -31.46 5.04
C SER C 62 -28.50 -31.55 5.18
N ARG C 63 -27.79 -31.86 4.10
CA ARG C 63 -26.35 -32.07 4.21
C ARG C 63 -25.57 -30.82 4.64
N THR C 64 -25.85 -29.69 3.99
CA THR C 64 -25.04 -28.49 4.19
C THR C 64 -25.76 -27.38 4.95
N THR C 65 -26.94 -27.69 5.47
CA THR C 65 -27.64 -26.75 6.35
C THR C 65 -28.26 -27.48 7.54
N ASP C 66 -28.78 -26.70 8.48
CA ASP C 66 -29.48 -27.26 9.64
C ASP C 66 -30.98 -27.41 9.37
N GLY C 67 -31.35 -27.28 8.09
CA GLY C 67 -32.73 -27.49 7.67
C GLY C 67 -32.98 -28.75 6.88
N ASP C 68 -34.18 -28.85 6.32
CA ASP C 68 -34.61 -30.04 5.59
C ASP C 68 -35.57 -29.68 4.47
N GLY C 69 -35.53 -30.46 3.41
CA GLY C 69 -36.48 -30.30 2.32
C GLY C 69 -35.84 -30.04 0.98
N LEU C 70 -36.68 -29.95 -0.05
CA LEU C 70 -36.24 -29.75 -1.42
C LEU C 70 -36.00 -28.27 -1.67
N ILE C 71 -34.77 -27.90 -2.01
CA ILE C 71 -34.47 -26.49 -2.17
C ILE C 71 -35.32 -25.84 -3.27
N TYR C 72 -35.64 -26.61 -4.31
CA TYR C 72 -36.39 -26.11 -5.46
C TYR C 72 -37.80 -25.69 -5.10
N LYS C 73 -38.26 -26.09 -3.91
CA LYS C 73 -39.60 -25.77 -3.45
C LYS C 73 -39.60 -24.97 -2.16
N THR C 74 -38.44 -24.41 -1.80
CA THR C 74 -38.31 -23.66 -0.57
C THR C 74 -38.06 -22.19 -0.90
N PRO C 75 -38.90 -21.29 -0.39
CA PRO C 75 -38.75 -19.86 -0.69
C PRO C 75 -37.45 -19.30 -0.13
N LEU C 76 -36.90 -18.30 -0.80
CA LEU C 76 -35.68 -17.64 -0.36
C LEU C 76 -35.74 -17.21 1.11
N ALA C 77 -36.87 -16.65 1.53
CA ALA C 77 -36.95 -16.18 2.91
C ALA C 77 -36.75 -17.32 3.91
N GLU C 78 -37.25 -18.51 3.56
CA GLU C 78 -37.03 -19.68 4.40
C GLU C 78 -35.57 -20.15 4.31
N LEU C 79 -35.03 -20.17 3.10
CA LEU C 79 -33.64 -20.58 2.90
C LEU C 79 -32.70 -19.71 3.73
N LYS C 80 -32.96 -18.40 3.77
CA LYS C 80 -32.09 -17.46 4.46
C LYS C 80 -32.14 -17.61 5.98
N GLN C 81 -33.08 -18.40 6.49
CA GLN C 81 -33.17 -18.68 7.92
C GLN C 81 -32.22 -19.79 8.33
N LEU C 82 -31.79 -20.58 7.35
CA LEU C 82 -30.97 -21.76 7.62
C LEU C 82 -29.51 -21.40 7.91
N ASP C 83 -28.87 -22.26 8.69
CA ASP C 83 -27.44 -22.16 8.99
C ASP C 83 -26.70 -23.07 8.03
N ALA C 84 -25.94 -22.48 7.11
CA ALA C 84 -25.25 -23.26 6.09
C ALA C 84 -23.75 -23.37 6.39
N GLY C 85 -23.37 -23.13 7.63
CA GLY C 85 -21.96 -23.10 7.99
C GLY C 85 -21.56 -23.90 9.21
N SER C 86 -22.43 -24.01 10.21
CA SER C 86 -22.05 -24.62 11.48
C SER C 86 -21.51 -26.04 11.37
N TRP C 87 -22.09 -26.82 10.46
CA TRP C 87 -21.63 -28.20 10.26
C TRP C 87 -20.15 -28.22 9.92
N LYS C 88 -19.71 -27.24 9.13
CA LYS C 88 -18.30 -27.15 8.76
C LYS C 88 -17.45 -26.71 9.94
N GLY C 89 -17.97 -25.78 10.73
CA GLY C 89 -17.28 -25.32 11.93
C GLY C 89 -18.03 -24.20 12.59
N GLN C 90 -17.90 -24.08 13.91
CA GLN C 90 -18.62 -23.05 14.64
C GLN C 90 -18.26 -21.63 14.22
N GLU C 91 -17.05 -21.44 13.69
CA GLU C 91 -16.64 -20.10 13.27
C GLU C 91 -17.45 -19.64 12.06
N TYR C 92 -18.19 -20.57 11.45
CA TYR C 92 -19.00 -20.28 10.27
C TYR C 92 -20.49 -20.27 10.57
N GLN C 93 -20.85 -20.21 11.85
CA GLN C 93 -22.27 -20.32 12.23
C GLN C 93 -23.15 -19.21 11.65
N GLN C 94 -22.54 -18.11 11.24
N GLN C 94 -22.56 -18.09 11.27
CA GLN C 94 -23.28 -16.97 10.70
CA GLN C 94 -23.34 -16.99 10.71
C GLN C 94 -23.49 -17.06 9.19
C GLN C 94 -23.59 -17.11 9.21
N GLU C 95 -23.07 -18.17 8.59
CA GLU C 95 -23.20 -18.32 7.14
C GLU C 95 -24.58 -18.77 6.66
N THR C 96 -25.02 -18.15 5.58
CA THR C 96 -26.27 -18.52 4.92
C THR C 96 -26.03 -18.95 3.47
N ILE C 97 -27.07 -19.53 2.88
CA ILE C 97 -27.08 -19.80 1.45
C ILE C 97 -27.09 -18.46 0.71
N PRO C 98 -26.05 -18.19 -0.13
CA PRO C 98 -26.00 -16.92 -0.84
C PRO C 98 -26.96 -16.88 -2.03
N THR C 99 -27.49 -15.71 -2.36
CA THR C 99 -28.07 -15.52 -3.68
C THR C 99 -26.92 -15.42 -4.66
N LEU C 100 -27.19 -15.66 -5.94
CA LEU C 100 -26.19 -15.44 -6.98
C LEU C 100 -25.66 -14.00 -6.90
N LEU C 101 -26.55 -13.04 -6.69
CA LEU C 101 -26.15 -11.64 -6.58
C LEU C 101 -25.14 -11.42 -5.44
N GLU C 102 -25.46 -11.96 -4.27
CA GLU C 102 -24.55 -11.85 -3.14
C GLU C 102 -23.19 -12.48 -3.43
N ALA C 103 -23.18 -13.61 -4.10
CA ALA C 103 -21.94 -14.29 -4.46
C ALA C 103 -21.10 -13.45 -5.44
N ILE C 104 -21.76 -12.89 -6.45
N ILE C 104 -21.75 -12.86 -6.43
CA ILE C 104 -21.12 -11.99 -7.42
CA ILE C 104 -21.06 -12.02 -7.40
C ILE C 104 -20.36 -10.87 -6.72
C ILE C 104 -20.34 -10.85 -6.73
N GLU C 105 -20.98 -10.27 -5.72
CA GLU C 105 -20.38 -9.16 -4.99
C GLU C 105 -19.04 -9.56 -4.38
N VAL C 106 -19.00 -10.72 -3.73
CA VAL C 106 -17.77 -11.19 -3.09
C VAL C 106 -16.72 -11.61 -4.11
N ILE C 107 -17.14 -12.34 -5.13
CA ILE C 107 -16.20 -12.82 -6.14
C ILE C 107 -15.51 -11.64 -6.83
N SER C 108 -16.29 -10.63 -7.20
CA SER C 108 -15.74 -9.50 -7.93
C SER C 108 -14.87 -8.61 -7.04
N GLN C 109 -15.14 -8.63 -5.74
CA GLN C 109 -14.33 -7.85 -4.79
C GLN C 109 -12.85 -8.23 -4.93
N TYR C 110 -12.58 -9.51 -5.13
CA TYR C 110 -11.21 -10.01 -5.27
C TYR C 110 -10.73 -10.07 -6.72
N GLY C 111 -11.61 -9.72 -7.65
CA GLY C 111 -11.23 -9.74 -9.06
C GLY C 111 -11.07 -11.16 -9.60
N MSE C 112 -11.82 -12.09 -9.02
CA MSE C 112 -11.79 -13.48 -9.49
C MSE C 112 -12.71 -13.74 -10.67
O MSE C 112 -13.74 -13.08 -10.83
CB MSE C 112 -12.13 -14.45 -8.35
CG MSE C 112 -11.02 -14.60 -7.34
SE MSE C 112 -11.35 -15.89 -5.92
CE MSE C 112 -12.98 -15.14 -5.13
N GLY C 113 -12.34 -14.72 -11.48
CA GLY C 113 -13.24 -15.23 -12.51
C GLY C 113 -14.22 -16.19 -11.90
N LEU C 114 -15.33 -16.40 -12.61
CA LEU C 114 -16.41 -17.25 -12.13
C LEU C 114 -16.79 -18.29 -13.17
N ASN C 115 -16.60 -19.56 -12.83
CA ASN C 115 -17.22 -20.65 -13.57
C ASN C 115 -18.53 -20.94 -12.85
N LEU C 116 -19.63 -20.44 -13.41
CA LEU C 116 -20.95 -20.69 -12.84
C LEU C 116 -21.50 -22.00 -13.39
N GLU C 117 -21.59 -23.02 -12.54
CA GLU C 117 -22.20 -24.26 -12.98
C GLU C 117 -23.71 -24.18 -12.86
N LEU C 118 -24.37 -24.27 -14.01
CA LEU C 118 -25.82 -24.24 -14.06
C LEU C 118 -26.35 -25.59 -13.62
N LYS C 119 -27.05 -25.61 -12.48
CA LYS C 119 -27.55 -26.86 -11.90
C LYS C 119 -29.07 -26.75 -11.71
N PRO C 120 -29.79 -26.45 -12.79
CA PRO C 120 -31.22 -26.19 -12.63
C PRO C 120 -31.99 -27.41 -12.19
N CYS C 121 -33.07 -27.17 -11.44
CA CYS C 121 -34.11 -28.16 -11.24
C CYS C 121 -34.47 -28.76 -12.60
N GLU C 122 -34.51 -30.09 -12.69
CA GLU C 122 -34.81 -30.74 -13.98
C GLU C 122 -36.16 -30.25 -14.51
N GLY C 123 -36.15 -29.78 -15.75
CA GLY C 123 -37.35 -29.23 -16.36
C GLY C 123 -37.46 -27.72 -16.27
N LEU C 124 -36.67 -27.11 -15.38
CA LEU C 124 -36.74 -25.68 -15.15
C LEU C 124 -35.51 -24.97 -15.71
N GLU C 125 -34.91 -25.57 -16.73
CA GLU C 125 -33.67 -25.04 -17.29
C GLU C 125 -33.81 -23.64 -17.88
N GLU C 126 -34.85 -23.43 -18.69
CA GLU C 126 -35.04 -22.15 -19.36
C GLU C 126 -35.19 -21.00 -18.36
N GLU C 127 -36.05 -21.22 -17.35
CA GLU C 127 -36.30 -20.23 -16.32
C GLU C 127 -35.07 -19.97 -15.46
N THR C 128 -34.33 -21.03 -15.14
CA THR C 128 -33.15 -20.88 -14.29
C THR C 128 -32.07 -20.09 -15.01
N ILE C 129 -31.83 -20.42 -16.28
CA ILE C 129 -30.85 -19.67 -17.06
C ILE C 129 -31.30 -18.23 -17.27
N ALA C 130 -32.58 -18.01 -17.59
CA ALA C 130 -33.06 -16.64 -17.78
C ALA C 130 -32.84 -15.77 -16.54
N ALA C 131 -33.20 -16.29 -15.38
CA ALA C 131 -33.08 -15.52 -14.15
C ALA C 131 -31.62 -15.26 -13.80
N SER C 132 -30.77 -16.24 -14.04
CA SER C 132 -29.36 -16.12 -13.72
C SER C 132 -28.68 -15.11 -14.63
N VAL C 133 -29.02 -15.17 -15.91
CA VAL C 133 -28.49 -14.25 -16.90
C VAL C 133 -28.93 -12.81 -16.60
N GLU C 134 -30.16 -12.63 -16.15
CA GLU C 134 -30.64 -11.30 -15.78
C GLU C 134 -29.77 -10.69 -14.67
N VAL C 135 -29.49 -11.46 -13.63
CA VAL C 135 -28.63 -11.02 -12.54
C VAL C 135 -27.23 -10.68 -13.06
N LEU C 136 -26.65 -11.58 -13.84
CA LEU C 136 -25.28 -11.39 -14.33
C LEU C 136 -25.13 -10.21 -15.29
N LYS C 137 -26.09 -10.02 -16.18
CA LYS C 137 -26.02 -8.90 -17.12
C LYS C 137 -26.02 -7.57 -16.37
N GLN C 138 -26.72 -7.51 -15.25
CA GLN C 138 -26.82 -6.27 -14.49
C GLN C 138 -25.62 -6.06 -13.55
N HIS C 139 -25.08 -7.16 -13.03
CA HIS C 139 -24.15 -7.05 -11.91
C HIS C 139 -22.75 -7.63 -12.11
N TRP C 140 -22.56 -8.48 -13.12
CA TRP C 140 -21.24 -9.08 -13.33
C TRP C 140 -20.33 -8.12 -14.10
N PRO C 141 -19.17 -7.80 -13.51
CA PRO C 141 -18.26 -6.87 -14.20
C PRO C 141 -17.75 -7.45 -15.51
N GLN C 142 -17.87 -6.67 -16.58
CA GLN C 142 -17.51 -7.13 -17.90
C GLN C 142 -16.01 -7.40 -18.06
N ASP C 143 -15.20 -6.97 -17.09
CA ASP C 143 -13.75 -7.20 -17.17
C ASP C 143 -13.27 -8.44 -16.42
N LEU C 144 -14.20 -9.25 -15.92
CA LEU C 144 -13.86 -10.49 -15.23
C LEU C 144 -14.39 -11.67 -16.01
N PRO C 145 -13.57 -12.73 -16.15
CA PRO C 145 -14.01 -13.89 -16.95
C PRO C 145 -15.23 -14.56 -16.36
N LEU C 146 -16.20 -14.86 -17.21
CA LEU C 146 -17.38 -15.63 -16.82
C LEU C 146 -17.52 -16.85 -17.73
N LEU C 147 -17.59 -18.04 -17.12
CA LEU C 147 -17.77 -19.29 -17.86
C LEU C 147 -18.99 -20.03 -17.36
N PHE C 148 -19.92 -20.34 -18.26
CA PHE C 148 -21.05 -21.19 -17.92
C PHE C 148 -20.67 -22.65 -18.14
N SER C 149 -21.15 -23.56 -17.30
CA SER C 149 -21.01 -24.98 -17.56
C SER C 149 -22.22 -25.73 -17.02
N SER C 150 -22.43 -26.95 -17.50
CA SER C 150 -23.53 -27.76 -17.00
C SER C 150 -23.40 -29.23 -17.42
N PHE C 151 -23.93 -30.13 -16.59
CA PHE C 151 -24.18 -31.50 -17.02
C PHE C 151 -25.45 -31.60 -17.86
N ASN C 152 -26.30 -30.57 -17.76
CA ASN C 152 -27.66 -30.60 -18.30
C ASN C 152 -27.74 -30.03 -19.72
N TYR C 153 -28.18 -30.86 -20.67
CA TYR C 153 -28.27 -30.48 -22.07
C TYR C 153 -29.10 -29.21 -22.30
N PHE C 154 -30.29 -29.17 -21.72
CA PHE C 154 -31.15 -28.01 -21.95
C PHE C 154 -30.62 -26.73 -21.32
N ALA C 155 -29.85 -26.87 -20.24
CA ALA C 155 -29.21 -25.71 -19.62
C ALA C 155 -28.23 -25.09 -20.60
N LEU C 156 -27.45 -25.94 -21.27
CA LEU C 156 -26.44 -25.44 -22.21
C LEU C 156 -27.09 -24.82 -23.44
N VAL C 157 -28.14 -25.44 -23.94
CA VAL C 157 -28.88 -24.88 -25.05
C VAL C 157 -29.46 -23.51 -24.68
N SER C 158 -30.04 -23.42 -23.50
CA SER C 158 -30.64 -22.17 -23.06
C SER C 158 -29.59 -21.08 -22.87
N ALA C 159 -28.43 -21.46 -22.36
CA ALA C 159 -27.38 -20.47 -22.11
C ALA C 159 -26.94 -19.85 -23.44
N LYS C 160 -26.79 -20.68 -24.46
CA LYS C 160 -26.40 -20.19 -25.77
C LYS C 160 -27.49 -19.31 -26.38
N ALA C 161 -28.74 -19.72 -26.23
CA ALA C 161 -29.85 -18.96 -26.77
C ALA C 161 -29.94 -17.56 -26.16
N LEU C 162 -29.68 -17.46 -24.87
CA LEU C 162 -29.91 -16.21 -24.14
C LEU C 162 -28.68 -15.30 -24.03
N TRP C 163 -27.49 -15.88 -23.95
CA TRP C 163 -26.28 -15.09 -23.84
C TRP C 163 -25.14 -15.82 -24.56
N PRO C 164 -25.21 -15.85 -25.90
CA PRO C 164 -24.25 -16.64 -26.68
C PRO C 164 -22.80 -16.22 -26.50
N GLU C 165 -22.56 -14.96 -26.11
CA GLU C 165 -21.21 -14.41 -25.99
C GLU C 165 -20.40 -15.02 -24.85
N ILE C 166 -21.07 -15.65 -23.89
CA ILE C 166 -20.39 -16.25 -22.76
C ILE C 166 -20.02 -17.71 -23.07
N ALA C 167 -18.74 -18.04 -22.85
CA ALA C 167 -18.21 -19.37 -23.13
C ALA C 167 -18.94 -20.46 -22.35
N ARG C 168 -19.01 -21.66 -22.91
CA ARG C 168 -19.71 -22.78 -22.29
C ARG C 168 -18.84 -24.01 -22.17
N GLY C 169 -18.94 -24.68 -21.02
CA GLY C 169 -18.31 -25.97 -20.81
C GLY C 169 -19.34 -27.08 -20.62
N TYR C 170 -19.08 -28.22 -21.22
CA TYR C 170 -19.95 -29.39 -21.12
C TYR C 170 -19.38 -30.29 -20.01
N ASN C 171 -20.13 -30.45 -18.92
CA ASN C 171 -19.75 -31.34 -17.83
C ASN C 171 -20.23 -32.76 -18.09
N VAL C 172 -19.31 -33.72 -17.89
CA VAL C 172 -19.60 -35.14 -17.97
C VAL C 172 -18.83 -35.87 -16.88
N SER C 173 -19.13 -37.14 -16.66
CA SER C 173 -18.25 -37.96 -15.83
C SER C 173 -17.22 -38.58 -16.76
N ALA C 174 -17.67 -39.41 -17.69
CA ALA C 174 -16.80 -40.04 -18.67
C ALA C 174 -16.70 -39.23 -19.96
N ILE C 175 -15.54 -39.31 -20.63
CA ILE C 175 -15.39 -38.69 -21.94
C ILE C 175 -16.27 -39.45 -22.94
N PRO C 176 -17.24 -38.75 -23.55
CA PRO C 176 -18.12 -39.45 -24.49
C PRO C 176 -17.36 -39.94 -25.72
N SER C 177 -17.72 -41.12 -26.22
N SER C 177 -17.73 -41.10 -26.23
CA SER C 177 -17.11 -41.61 -27.45
CA SER C 177 -17.11 -41.61 -27.45
C SER C 177 -17.41 -40.64 -28.59
C SER C 177 -17.43 -40.68 -28.61
N ALA C 178 -18.57 -40.01 -28.52
CA ALA C 178 -18.98 -39.03 -29.53
C ALA C 178 -18.71 -37.61 -29.04
N TRP C 179 -17.57 -37.39 -28.39
CA TRP C 179 -17.28 -36.08 -27.81
C TRP C 179 -17.29 -34.98 -28.85
N GLN C 180 -16.76 -35.25 -30.04
CA GLN C 180 -16.65 -34.19 -31.03
C GLN C 180 -18.02 -33.72 -31.51
N GLU C 181 -18.88 -34.70 -31.81
CA GLU C 181 -20.24 -34.44 -32.24
C GLU C 181 -20.98 -33.62 -31.19
N ARG C 182 -20.83 -34.01 -29.94
CA ARG C 182 -21.55 -33.35 -28.86
C ARG C 182 -21.08 -31.93 -28.62
N LEU C 183 -19.77 -31.74 -28.58
CA LEU C 183 -19.22 -30.42 -28.33
C LEU C 183 -19.59 -29.45 -29.46
N GLU C 184 -19.63 -29.97 -30.69
CA GLU C 184 -20.01 -29.15 -31.84
C GLU C 184 -21.49 -28.78 -31.77
N HIS C 185 -22.33 -29.75 -31.42
CA HIS C 185 -23.77 -29.55 -31.32
C HIS C 185 -24.11 -28.55 -30.22
N LEU C 186 -23.48 -28.73 -29.07
CA LEU C 186 -23.71 -27.85 -27.92
C LEU C 186 -22.94 -26.54 -28.05
N ASP C 187 -22.03 -26.47 -29.02
CA ASP C 187 -21.16 -25.31 -29.18
C ASP C 187 -20.51 -24.95 -27.85
N CYS C 188 -19.89 -25.94 -27.23
CA CYS C 188 -19.12 -25.72 -26.00
C CYS C 188 -17.64 -25.68 -26.35
N ALA C 189 -16.90 -24.83 -25.64
CA ALA C 189 -15.48 -24.64 -25.94
C ALA C 189 -14.59 -25.48 -25.03
N GLY C 190 -15.19 -26.16 -24.07
CA GLY C 190 -14.44 -27.01 -23.17
C GLY C 190 -15.24 -28.21 -22.66
N LEU C 191 -14.52 -29.24 -22.23
CA LEU C 191 -15.13 -30.45 -21.68
C LEU C 191 -14.59 -30.63 -20.26
N HIS C 192 -15.48 -30.74 -19.27
CA HIS C 192 -15.08 -30.88 -17.88
C HIS C 192 -15.49 -32.28 -17.42
N ILE C 193 -14.49 -33.07 -17.04
CA ILE C 193 -14.68 -34.49 -16.78
C ILE C 193 -14.35 -34.87 -15.34
N HIS C 194 -14.82 -36.04 -14.92
CA HIS C 194 -14.47 -36.59 -13.62
C HIS C 194 -13.08 -37.20 -13.71
N GLN C 195 -12.26 -36.93 -12.68
N GLN C 195 -12.21 -36.88 -12.76
CA GLN C 195 -10.87 -37.37 -12.64
CA GLN C 195 -10.80 -37.21 -12.92
C GLN C 195 -10.68 -38.85 -12.95
C GLN C 195 -10.54 -38.69 -13.17
N SER C 196 -11.65 -39.68 -12.56
N SER C 196 -11.42 -39.55 -12.65
CA SER C 196 -11.51 -41.12 -12.74
CA SER C 196 -11.25 -41.00 -12.80
C SER C 196 -11.63 -41.56 -14.21
C SER C 196 -11.34 -41.46 -14.26
N PHE C 197 -11.95 -40.63 -15.10
CA PHE C 197 -12.14 -40.97 -16.51
C PHE C 197 -11.15 -40.29 -17.44
N PHE C 198 -10.12 -39.66 -16.87
CA PHE C 198 -9.10 -39.04 -17.68
C PHE C 198 -8.41 -40.09 -18.53
N ASP C 199 -8.29 -39.83 -19.82
CA ASP C 199 -7.56 -40.70 -20.75
C ASP C 199 -6.69 -39.84 -21.63
N VAL C 200 -5.37 -40.04 -21.58
CA VAL C 200 -4.46 -39.10 -22.23
C VAL C 200 -4.63 -38.99 -23.76
N GLN C 201 -4.77 -40.13 -24.43
N GLN C 201 -4.80 -40.11 -24.45
CA GLN C 201 -4.98 -40.13 -25.88
CA GLN C 201 -4.93 -40.01 -25.91
C GLN C 201 -6.18 -39.27 -26.22
C GLN C 201 -6.23 -39.33 -26.34
N GLN C 202 -7.31 -39.57 -25.61
CA GLN C 202 -8.56 -38.86 -25.89
C GLN C 202 -8.42 -37.38 -25.60
N VAL C 203 -7.86 -37.05 -24.44
CA VAL C 203 -7.64 -35.66 -24.08
C VAL C 203 -6.76 -34.93 -25.12
N SER C 204 -5.73 -35.60 -25.62
CA SER C 204 -4.88 -34.99 -26.65
C SER C 204 -5.68 -34.67 -27.91
N ASP C 205 -6.52 -35.60 -28.34
CA ASP C 205 -7.35 -35.41 -29.52
C ASP C 205 -8.37 -34.29 -29.33
N ILE C 206 -8.97 -34.24 -28.14
CA ILE C 206 -9.89 -33.17 -27.81
C ILE C 206 -9.19 -31.81 -27.85
N LYS C 207 -8.00 -31.75 -27.28
CA LYS C 207 -7.23 -30.50 -27.24
C LYS C 207 -6.76 -30.09 -28.65
N ALA C 208 -6.40 -31.06 -29.47
CA ALA C 208 -6.00 -30.78 -30.84
C ALA C 208 -7.17 -30.21 -31.66
N ALA C 209 -8.39 -30.60 -31.29
CA ALA C 209 -9.58 -30.08 -31.94
C ALA C 209 -9.93 -28.67 -31.48
N GLY C 210 -9.20 -28.19 -30.48
CA GLY C 210 -9.31 -26.80 -30.06
C GLY C 210 -9.97 -26.59 -28.70
N TYR C 211 -10.33 -27.68 -28.04
CA TYR C 211 -11.09 -27.59 -26.79
C TYR C 211 -10.19 -27.61 -25.55
N LYS C 212 -10.67 -27.00 -24.47
CA LYS C 212 -10.03 -27.10 -23.18
C LYS C 212 -10.55 -28.34 -22.49
N VAL C 213 -9.71 -28.98 -21.68
CA VAL C 213 -10.14 -30.11 -20.88
C VAL C 213 -9.85 -29.84 -19.41
N LEU C 214 -10.89 -29.95 -18.58
CA LEU C 214 -10.76 -29.69 -17.16
C LEU C 214 -11.23 -30.93 -16.40
N ALA C 215 -10.78 -31.10 -15.16
CA ALA C 215 -11.21 -32.24 -14.35
C ALA C 215 -11.53 -31.90 -12.89
N PHE C 216 -12.53 -32.59 -12.34
CA PHE C 216 -12.95 -32.42 -10.94
C PHE C 216 -13.05 -33.80 -10.29
N THR C 217 -13.03 -33.89 -8.96
CA THR C 217 -12.56 -32.84 -8.06
C THR C 217 -11.26 -33.40 -7.49
N ILE C 218 -10.18 -32.64 -7.59
CA ILE C 218 -8.87 -33.16 -7.24
C ILE C 218 -8.29 -32.46 -6.03
N ASN C 219 -8.10 -33.22 -4.95
CA ASN C 219 -7.62 -32.69 -3.68
C ASN C 219 -6.24 -33.23 -3.33
N ASP C 220 -5.74 -34.15 -4.15
CA ASP C 220 -4.39 -34.69 -3.93
C ASP C 220 -3.41 -34.02 -4.88
N GLU C 221 -2.37 -33.38 -4.35
CA GLU C 221 -1.48 -32.61 -5.21
C GLU C 221 -0.73 -33.46 -6.22
N SER C 222 -0.36 -34.68 -5.82
N SER C 222 -0.36 -34.69 -5.83
CA SER C 222 0.34 -35.59 -6.73
CA SER C 222 0.35 -35.57 -6.74
C SER C 222 -0.51 -35.93 -7.95
C SER C 222 -0.51 -35.95 -7.95
N LEU C 223 -1.80 -36.17 -7.72
CA LEU C 223 -2.72 -36.46 -8.82
C LEU C 223 -2.85 -35.25 -9.75
N ALA C 224 -3.00 -34.06 -9.16
CA ALA C 224 -3.08 -32.84 -9.96
C ALA C 224 -1.86 -32.71 -10.87
N LEU C 225 -0.67 -32.84 -10.29
CA LEU C 225 0.56 -32.69 -11.06
C LEU C 225 0.64 -33.73 -12.16
N LYS C 226 0.23 -34.96 -11.85
CA LYS C 226 0.23 -36.03 -12.84
C LYS C 226 -0.63 -35.65 -14.03
N LEU C 227 -1.81 -35.09 -13.77
CA LEU C 227 -2.74 -34.81 -14.86
C LEU C 227 -2.33 -33.57 -15.65
N TYR C 228 -1.77 -32.58 -14.97
CA TYR C 228 -1.25 -31.41 -15.69
C TYR C 228 -0.16 -31.87 -16.68
N ASN C 229 0.71 -32.77 -16.23
CA ASN C 229 1.77 -33.30 -17.07
C ASN C 229 1.20 -33.99 -18.31
N GLN C 230 -0.02 -34.52 -18.18
CA GLN C 230 -0.68 -35.21 -19.28
C GLN C 230 -1.60 -34.30 -20.10
N GLY C 231 -1.56 -32.99 -19.82
CA GLY C 231 -2.24 -32.03 -20.67
C GLY C 231 -3.53 -31.44 -20.12
N LEU C 232 -3.91 -31.83 -18.91
CA LEU C 232 -5.10 -31.24 -18.30
C LEU C 232 -4.92 -29.72 -18.18
N ASP C 233 -5.94 -28.95 -18.56
CA ASP C 233 -5.83 -27.48 -18.54
C ASP C 233 -6.10 -26.89 -17.16
N ALA C 234 -6.99 -27.49 -16.40
CA ALA C 234 -7.30 -26.99 -15.06
C ALA C 234 -7.94 -28.06 -14.19
N VAL C 235 -7.74 -27.94 -12.88
CA VAL C 235 -8.45 -28.78 -11.92
C VAL C 235 -9.42 -27.95 -11.09
N PHE C 236 -10.51 -28.58 -10.70
CA PHE C 236 -11.37 -28.06 -9.64
C PHE C 236 -10.94 -28.73 -8.35
N SER C 237 -10.61 -27.93 -7.34
CA SER C 237 -10.11 -28.49 -6.08
C SER C 237 -10.79 -27.85 -4.87
N ASP C 238 -11.02 -28.63 -3.82
CA ASP C 238 -11.49 -28.11 -2.53
C ASP C 238 -10.34 -27.49 -1.73
N TYR C 239 -9.12 -27.79 -2.13
CA TYR C 239 -7.92 -27.27 -1.48
C TYR C 239 -7.04 -26.59 -2.52
N PRO C 240 -7.56 -25.51 -3.13
CA PRO C 240 -6.87 -24.89 -4.26
C PRO C 240 -5.52 -24.31 -3.89
N GLN C 241 -5.36 -23.77 -2.69
CA GLN C 241 -4.07 -23.21 -2.29
C GLN C 241 -3.01 -24.33 -2.24
N LYS C 242 -3.39 -25.48 -1.73
CA LYS C 242 -2.48 -26.62 -1.65
C LYS C 242 -2.03 -27.04 -3.04
N ILE C 243 -2.97 -27.10 -3.97
CA ILE C 243 -2.66 -27.51 -5.33
C ILE C 243 -1.73 -26.49 -5.97
N GLN C 244 -2.02 -25.20 -5.76
CA GLN C 244 -1.22 -24.16 -6.37
C GLN C 244 0.21 -24.20 -5.84
N SER C 245 0.35 -24.43 -4.55
N SER C 245 0.36 -24.44 -4.54
CA SER C 245 1.68 -24.50 -3.94
CA SER C 245 1.67 -24.50 -3.91
C SER C 245 2.46 -25.63 -4.58
C SER C 245 2.48 -25.68 -4.45
N ALA C 246 1.79 -26.75 -4.80
CA ALA C 246 2.44 -27.92 -5.39
C ALA C 246 2.94 -27.60 -6.78
N ILE C 247 2.13 -26.89 -7.56
CA ILE C 247 2.53 -26.48 -8.89
C ILE C 247 3.78 -25.61 -8.80
N ASP C 248 3.72 -24.60 -7.93
CA ASP C 248 4.78 -23.60 -7.84
C ASP C 248 6.07 -24.12 -7.21
N SER C 249 5.97 -25.18 -6.41
CA SER C 249 7.12 -25.70 -5.67
C SER C 249 7.84 -26.80 -6.43
N HIS C 250 7.26 -27.23 -7.54
CA HIS C 250 7.86 -28.31 -8.31
C HIS C 250 9.19 -27.88 -8.93
N ILE C 251 10.20 -28.73 -8.79
CA ILE C 251 11.50 -28.46 -9.37
C ILE C 251 11.67 -29.31 -10.62
N ASN C 252 11.72 -28.63 -11.77
CA ASN C 252 11.87 -29.31 -13.05
C ASN C 252 13.25 -29.97 -13.20
N GLN D 3 35.51 -3.84 30.73
CA GLN D 3 34.44 -4.37 29.89
C GLN D 3 33.83 -3.29 28.98
N SER D 4 32.64 -2.78 29.35
CA SER D 4 31.88 -1.91 28.45
C SER D 4 32.67 -0.72 27.92
N ALA D 5 32.74 -0.61 26.60
CA ALA D 5 33.40 0.50 25.94
C ALA D 5 32.79 1.83 26.29
N TYR D 6 31.50 1.84 26.61
CA TYR D 6 30.83 3.09 26.91
C TYR D 6 31.37 3.75 28.19
N SER D 7 31.99 2.94 29.05
CA SER D 7 32.63 3.47 30.26
C SER D 7 33.77 4.41 29.89
N PHE D 8 34.19 4.35 28.63
CA PHE D 8 35.34 5.11 28.17
C PHE D 8 35.05 5.96 26.95
N LEU D 9 33.77 6.27 26.76
CA LEU D 9 33.34 7.03 25.58
C LEU D 9 33.89 8.46 25.59
N PRO D 10 34.65 8.83 24.55
CA PRO D 10 35.12 10.21 24.43
C PRO D 10 34.08 11.11 23.79
N GLN D 11 34.29 12.42 23.80
CA GLN D 11 33.36 13.36 23.17
C GLN D 11 33.45 13.35 21.65
N VAL D 12 34.61 12.98 21.11
CA VAL D 12 34.81 13.04 19.66
C VAL D 12 35.32 11.71 19.11
N ILE D 13 34.65 11.20 18.08
CA ILE D 13 35.06 9.96 17.43
C ILE D 13 35.32 10.28 15.96
N ALA D 14 36.46 9.84 15.43
CA ALA D 14 36.80 10.11 14.03
C ALA D 14 36.03 9.21 13.08
N HIS D 15 35.17 9.85 12.28
CA HIS D 15 34.23 9.17 11.38
C HIS D 15 34.92 8.61 10.14
N ARG D 16 35.07 7.28 10.09
CA ARG D 16 35.85 6.59 9.06
C ARG D 16 37.31 6.99 9.16
N GLY D 17 37.76 7.15 10.40
CA GLY D 17 39.05 7.74 10.69
C GLY D 17 38.95 9.26 10.55
N SER D 18 40.10 9.92 10.43
N SER D 18 40.09 9.93 10.46
CA SER D 18 40.08 11.35 10.21
CA SER D 18 40.08 11.36 10.19
C SER D 18 39.89 11.61 8.72
C SER D 18 39.89 11.57 8.71
N SER D 19 38.63 11.51 8.29
CA SER D 19 38.29 11.41 6.87
C SER D 19 38.11 12.74 6.15
N GLY D 20 38.13 13.83 6.89
CA GLY D 20 38.11 15.14 6.29
C GLY D 20 39.36 15.41 5.46
N GLN D 21 40.52 15.00 5.98
N GLN D 21 40.52 15.07 6.00
CA GLN D 21 41.81 15.30 5.37
CA GLN D 21 41.77 15.26 5.27
C GLN D 21 42.61 14.09 4.88
C GLN D 21 42.09 14.01 4.48
N ALA D 22 42.12 12.88 5.16
CA ALA D 22 42.68 11.65 4.62
C ALA D 22 41.54 10.78 4.08
N PRO D 23 41.85 9.84 3.17
CA PRO D 23 40.77 9.06 2.55
C PRO D 23 40.02 8.21 3.58
N GLU D 24 38.70 8.28 3.57
CA GLU D 24 37.89 7.55 4.54
C GLU D 24 38.24 6.05 4.57
N ASN D 25 38.17 5.48 5.76
CA ASN D 25 38.31 4.03 5.93
C ASN D 25 39.60 3.47 5.37
N THR D 26 40.70 4.20 5.58
CA THR D 26 42.02 3.72 5.17
C THR D 26 43.01 3.73 6.33
N LEU D 27 44.12 3.03 6.16
CA LEU D 27 45.17 3.13 7.17
C LEU D 27 45.61 4.58 7.29
N ALA D 28 45.63 5.30 6.18
CA ALA D 28 45.97 6.73 6.22
C ALA D 28 45.07 7.51 7.16
N SER D 29 43.76 7.29 7.07
CA SER D 29 42.84 8.05 7.92
C SER D 29 42.93 7.63 9.39
N LEU D 30 43.33 6.38 9.62
CA LEU D 30 43.49 5.89 10.97
C LEU D 30 44.77 6.47 11.59
N HIS D 31 45.85 6.50 10.80
CA HIS D 31 47.10 7.14 11.25
C HIS D 31 46.87 8.61 11.57
N LEU D 32 46.11 9.30 10.71
CA LEU D 32 45.86 10.71 10.95
C LEU D 32 45.07 10.92 12.26
N ALA D 33 44.02 10.12 12.45
CA ALA D 33 43.26 10.19 13.70
C ALA D 33 44.17 9.97 14.91
N GLY D 34 45.01 8.94 14.81
CA GLY D 34 45.93 8.61 15.87
C GLY D 34 46.85 9.76 16.20
N GLN D 35 47.41 10.39 15.18
CA GLN D 35 48.39 11.46 15.38
C GLN D 35 47.75 12.79 15.74
N GLN D 36 46.49 12.96 15.40
CA GLN D 36 45.73 14.15 15.77
C GLN D 36 45.29 14.10 17.23
N GLY D 37 45.52 12.98 17.89
CA GLY D 37 45.11 12.81 19.28
C GLY D 37 43.64 12.51 19.47
N ILE D 38 42.99 11.92 18.46
CA ILE D 38 41.59 11.52 18.64
C ILE D 38 41.54 10.22 19.45
N LYS D 39 40.62 10.13 20.39
CA LYS D 39 40.63 9.00 21.32
C LYS D 39 40.06 7.70 20.75
N TRP D 40 39.09 7.82 19.85
CA TRP D 40 38.42 6.68 19.22
C TRP D 40 38.24 6.93 17.74
N VAL D 41 38.21 5.84 16.96
CA VAL D 41 37.77 5.92 15.57
C VAL D 41 36.49 5.12 15.37
N GLU D 42 35.73 5.49 14.34
CA GLU D 42 34.67 4.65 13.80
C GLU D 42 35.08 4.23 12.39
N ILE D 43 34.95 2.95 12.08
CA ILE D 43 35.12 2.45 10.71
C ILE D 43 34.07 1.40 10.41
N ASP D 44 33.83 1.16 9.13
CA ASP D 44 32.76 0.26 8.69
C ASP D 44 33.36 -1.05 8.21
N VAL D 45 32.73 -2.16 8.57
CA VAL D 45 33.26 -3.48 8.19
C VAL D 45 32.23 -4.29 7.40
N MSE D 46 32.72 -5.02 6.39
CA MSE D 46 31.91 -5.93 5.60
C MSE D 46 32.86 -6.99 5.07
O MSE D 46 34.06 -6.93 5.37
CB MSE D 46 31.24 -5.18 4.44
CG MSE D 46 32.20 -4.38 3.58
SE MSE D 46 31.29 -3.25 2.27
CE MSE D 46 30.36 -2.07 3.47
N LEU D 47 32.36 -7.96 4.32
CA LEU D 47 33.23 -9.02 3.80
C LEU D 47 33.55 -8.86 2.32
N SER D 48 34.77 -9.24 1.95
CA SER D 48 35.15 -9.36 0.55
C SER D 48 34.41 -10.54 -0.09
N GLY D 49 34.53 -10.68 -1.40
CA GLY D 49 33.94 -11.81 -2.12
C GLY D 49 34.35 -13.15 -1.53
N ASP D 50 35.57 -13.23 -1.00
CA ASP D 50 36.09 -14.47 -0.42
C ASP D 50 35.98 -14.55 1.10
N GLY D 51 35.18 -13.66 1.68
CA GLY D 51 34.76 -13.78 3.06
C GLY D 51 35.69 -13.19 4.10
N ILE D 52 36.58 -12.29 3.68
CA ILE D 52 37.52 -11.66 4.62
C ILE D 52 36.96 -10.31 5.09
N PRO D 53 37.00 -10.05 6.40
CA PRO D 53 36.55 -8.74 6.87
C PRO D 53 37.45 -7.62 6.35
N VAL D 54 36.83 -6.66 5.67
CA VAL D 54 37.53 -5.51 5.11
C VAL D 54 36.83 -4.23 5.57
N ILE D 55 37.54 -3.12 5.46
CA ILE D 55 37.06 -1.84 5.96
C ILE D 55 36.66 -0.96 4.78
N PHE D 56 35.37 -0.67 4.66
CA PHE D 56 34.84 -0.02 3.46
C PHE D 56 33.40 0.37 3.76
N HIS D 57 32.92 1.42 3.13
CA HIS D 57 31.56 1.90 3.39
C HIS D 57 30.50 1.52 2.35
N ASP D 58 30.76 1.83 1.09
CA ASP D 58 29.75 1.62 0.04
C ASP D 58 29.62 0.17 -0.42
N ASP D 59 28.49 -0.13 -1.05
N ASP D 59 28.52 -0.15 -1.08
CA ASP D 59 28.28 -1.42 -1.69
CA ASP D 59 28.39 -1.49 -1.64
C ASP D 59 29.23 -1.53 -2.88
C ASP D 59 29.11 -1.58 -2.99
N TYR D 60 29.35 -0.43 -3.62
CA TYR D 60 30.08 -0.38 -4.88
C TYR D 60 31.46 0.26 -4.73
N LEU D 61 32.38 -0.02 -5.66
CA LEU D 61 33.77 0.37 -5.52
C LEU D 61 34.11 1.75 -6.08
N SER D 62 33.23 2.32 -6.89
CA SER D 62 33.63 3.47 -7.71
C SER D 62 33.86 4.80 -7.00
N ARG D 63 33.21 5.03 -5.86
CA ARG D 63 33.37 6.32 -5.18
C ARG D 63 34.75 6.50 -4.57
N THR D 64 35.21 5.49 -3.85
CA THR D 64 36.43 5.63 -3.07
C THR D 64 37.61 4.82 -3.62
N THR D 65 37.44 4.22 -4.78
CA THR D 65 38.55 3.55 -5.43
C THR D 65 38.52 3.81 -6.93
N ASP D 66 39.57 3.36 -7.62
CA ASP D 66 39.61 3.48 -9.08
C ASP D 66 38.89 2.31 -9.76
N GLY D 67 38.40 1.39 -8.94
CA GLY D 67 37.70 0.21 -9.44
C GLY D 67 36.21 0.38 -9.64
N ASP D 68 35.55 -0.70 -10.03
CA ASP D 68 34.13 -0.69 -10.35
C ASP D 68 33.56 -2.05 -9.97
N GLY D 69 32.34 -2.06 -9.45
CA GLY D 69 31.68 -3.31 -9.10
C GLY D 69 31.29 -3.40 -7.63
N LEU D 70 30.68 -4.52 -7.25
CA LEU D 70 30.28 -4.75 -5.86
C LEU D 70 31.44 -5.28 -5.05
N ILE D 71 31.75 -4.64 -3.93
CA ILE D 71 32.81 -5.14 -3.09
C ILE D 71 32.49 -6.55 -2.58
N TYR D 72 31.20 -6.80 -2.35
CA TYR D 72 30.76 -8.10 -1.82
C TYR D 72 31.07 -9.25 -2.78
N LYS D 73 31.29 -8.92 -4.05
CA LYS D 73 31.55 -9.93 -5.08
C LYS D 73 33.01 -9.97 -5.52
N THR D 74 33.86 -9.20 -4.87
CA THR D 74 35.24 -9.02 -5.33
C THR D 74 36.22 -9.65 -4.34
N PRO D 75 37.10 -10.53 -4.84
CA PRO D 75 38.07 -11.16 -3.94
C PRO D 75 39.06 -10.14 -3.37
N LEU D 76 39.53 -10.39 -2.15
CA LEU D 76 40.49 -9.52 -1.50
C LEU D 76 41.72 -9.26 -2.36
N ALA D 77 42.22 -10.29 -3.03
CA ALA D 77 43.42 -10.12 -3.83
C ALA D 77 43.21 -9.07 -4.92
N GLU D 78 42.02 -9.05 -5.50
CA GLU D 78 41.67 -8.02 -6.49
C GLU D 78 41.45 -6.65 -5.81
N LEU D 79 40.81 -6.65 -4.65
CA LEU D 79 40.60 -5.42 -3.94
C LEU D 79 41.94 -4.75 -3.62
N LYS D 80 42.92 -5.57 -3.26
CA LYS D 80 44.20 -5.06 -2.75
C LYS D 80 45.06 -4.39 -3.81
N GLN D 81 44.64 -4.45 -5.06
CA GLN D 81 45.39 -3.78 -6.12
C GLN D 81 44.65 -2.54 -6.62
N LEU D 82 43.50 -2.27 -6.01
CA LEU D 82 42.80 -1.01 -6.26
C LEU D 82 43.43 0.12 -5.46
N ASP D 83 43.24 1.34 -5.95
CA ASP D 83 43.76 2.55 -5.31
C ASP D 83 42.63 3.19 -4.52
N ALA D 84 42.72 3.13 -3.20
CA ALA D 84 41.65 3.61 -2.33
C ALA D 84 41.96 4.99 -1.73
N GLY D 85 42.94 5.67 -2.32
CA GLY D 85 43.36 6.97 -1.80
C GLY D 85 43.41 8.15 -2.76
N SER D 86 43.74 7.90 -4.03
CA SER D 86 43.97 9.00 -4.97
C SER D 86 42.75 9.90 -5.17
N TRP D 87 41.55 9.36 -4.99
CA TRP D 87 40.34 10.15 -5.14
C TRP D 87 40.31 11.28 -4.12
N LYS D 88 41.01 11.07 -2.99
CA LYS D 88 41.09 12.06 -1.94
C LYS D 88 42.27 12.99 -2.19
N GLY D 89 43.34 12.42 -2.74
CA GLY D 89 44.54 13.16 -3.08
C GLY D 89 45.66 12.22 -3.48
N GLN D 90 46.44 12.63 -4.47
CA GLN D 90 47.49 11.78 -5.04
C GLN D 90 48.57 11.31 -4.07
N GLU D 91 48.81 12.07 -3.00
CA GLU D 91 49.80 11.62 -2.01
C GLU D 91 49.33 10.37 -1.27
N TYR D 92 48.06 10.01 -1.46
CA TYR D 92 47.47 8.84 -0.80
C TYR D 92 47.35 7.67 -1.77
N GLN D 93 48.02 7.77 -2.92
CA GLN D 93 47.85 6.80 -3.99
C GLN D 93 48.27 5.36 -3.65
N GLN D 94 49.04 5.20 -2.58
CA GLN D 94 49.46 3.88 -2.13
C GLN D 94 48.45 3.22 -1.19
N GLU D 95 47.43 3.97 -0.78
CA GLU D 95 46.44 3.42 0.14
C GLU D 95 45.59 2.34 -0.53
N THR D 96 45.31 1.27 0.21
CA THR D 96 44.42 0.24 -0.28
C THR D 96 43.28 0.03 0.70
N ILE D 97 42.27 -0.72 0.29
CA ILE D 97 41.22 -1.10 1.22
C ILE D 97 41.84 -1.96 2.30
N PRO D 98 41.71 -1.57 3.58
CA PRO D 98 42.34 -2.37 4.63
C PRO D 98 41.52 -3.61 4.98
N THR D 99 42.19 -4.69 5.39
CA THR D 99 41.49 -5.73 6.11
C THR D 99 41.21 -5.20 7.51
N LEU D 100 40.24 -5.81 8.18
CA LEU D 100 39.99 -5.48 9.59
C LEU D 100 41.27 -5.68 10.41
N LEU D 101 42.00 -6.77 10.14
CA LEU D 101 43.22 -7.03 10.89
C LEU D 101 44.22 -5.88 10.72
N GLU D 102 44.40 -5.43 9.49
CA GLU D 102 45.34 -4.33 9.23
C GLU D 102 44.93 -3.06 9.96
N ALA D 103 43.62 -2.80 9.97
CA ALA D 103 43.12 -1.60 10.64
C ALA D 103 43.36 -1.68 12.16
N ILE D 104 43.14 -2.87 12.72
N ILE D 104 43.15 -2.87 12.71
CA ILE D 104 43.34 -3.11 14.14
CA ILE D 104 43.34 -3.08 14.14
C ILE D 104 44.77 -2.76 14.55
C ILE D 104 44.77 -2.79 14.57
N GLU D 105 45.73 -3.18 13.74
CA GLU D 105 47.14 -2.94 14.04
C GLU D 105 47.41 -1.44 14.19
N VAL D 106 46.92 -0.66 13.24
CA VAL D 106 47.16 0.77 13.26
C VAL D 106 46.42 1.45 14.42
N ILE D 107 45.17 1.08 14.63
CA ILE D 107 44.39 1.66 15.72
C ILE D 107 45.05 1.42 17.09
N SER D 108 45.52 0.20 17.31
N SER D 108 45.50 0.19 17.30
CA SER D 108 46.10 -0.17 18.59
CA SER D 108 46.11 -0.21 18.56
C SER D 108 47.47 0.47 18.82
C SER D 108 47.41 0.56 18.81
N GLN D 109 48.15 0.81 17.73
CA GLN D 109 49.44 1.49 17.81
C GLN D 109 49.32 2.80 18.59
N TYR D 110 48.18 3.47 18.42
CA TYR D 110 47.96 4.76 19.06
C TYR D 110 47.16 4.65 20.35
N GLY D 111 46.71 3.45 20.68
CA GLY D 111 45.97 3.21 21.90
C GLY D 111 44.56 3.77 21.82
N MSE D 112 44.01 3.77 20.60
CA MSE D 112 42.66 4.30 20.39
C MSE D 112 41.58 3.23 20.58
O MSE D 112 41.82 2.05 20.36
CB MSE D 112 42.52 4.89 18.97
CG MSE D 112 43.25 6.20 18.80
SE MSE D 112 42.92 7.07 17.08
CE MSE D 112 43.57 5.66 15.90
N GLY D 113 40.40 3.68 21.00
CA GLY D 113 39.22 2.83 20.99
C GLY D 113 38.68 2.66 19.58
N LEU D 114 37.93 1.58 19.37
CA LEU D 114 37.35 1.28 18.08
C LEU D 114 35.85 1.07 18.21
N ASN D 115 35.08 1.93 17.55
CA ASN D 115 33.68 1.66 17.31
C ASN D 115 33.59 1.05 15.92
N LEU D 116 33.46 -0.28 15.87
CA LEU D 116 33.35 -0.97 14.61
C LEU D 116 31.88 -1.00 14.22
N GLU D 117 31.51 -0.26 13.18
CA GLU D 117 30.17 -0.35 12.65
C GLU D 117 30.08 -1.57 11.75
N LEU D 118 29.22 -2.51 12.15
CA LEU D 118 28.96 -3.70 11.35
C LEU D 118 28.05 -3.29 10.20
N LYS D 119 28.58 -3.36 8.98
CA LYS D 119 27.85 -2.95 7.78
C LYS D 119 27.81 -4.08 6.77
N PRO D 120 27.28 -5.23 7.18
CA PRO D 120 27.28 -6.41 6.32
C PRO D 120 26.45 -6.23 5.06
N CYS D 121 26.89 -6.89 4.00
CA CYS D 121 26.05 -7.16 2.85
C CYS D 121 24.72 -7.71 3.40
N GLU D 122 23.60 -7.13 2.97
CA GLU D 122 22.31 -7.59 3.49
C GLU D 122 22.09 -9.06 3.13
N GLY D 123 21.78 -9.88 4.14
CA GLY D 123 21.73 -11.32 3.96
C GLY D 123 22.96 -12.06 4.48
N LEU D 124 24.09 -11.37 4.58
CA LEU D 124 25.34 -11.99 5.03
C LEU D 124 25.74 -11.54 6.44
N GLU D 125 24.74 -11.15 7.23
CA GLU D 125 25.01 -10.67 8.57
C GLU D 125 25.74 -11.69 9.45
N GLU D 126 25.25 -12.92 9.49
CA GLU D 126 25.83 -13.92 10.37
C GLU D 126 27.31 -14.20 10.05
N GLU D 127 27.59 -14.43 8.77
CA GLU D 127 28.95 -14.67 8.33
C GLU D 127 29.88 -13.47 8.56
N THR D 128 29.37 -12.26 8.33
CA THR D 128 30.17 -11.05 8.51
C THR D 128 30.55 -10.84 9.97
N ILE D 129 29.59 -11.05 10.86
CA ILE D 129 29.86 -10.87 12.28
C ILE D 129 30.78 -11.99 12.78
N ALA D 130 30.51 -13.22 12.36
CA ALA D 130 31.32 -14.36 12.78
C ALA D 130 32.79 -14.16 12.43
N ALA D 131 33.03 -13.78 11.18
CA ALA D 131 34.40 -13.58 10.70
C ALA D 131 35.07 -12.39 11.40
N SER D 132 34.32 -11.31 11.64
CA SER D 132 34.87 -10.16 12.32
C SER D 132 35.19 -10.46 13.78
N VAL D 133 34.31 -11.21 14.44
CA VAL D 133 34.54 -11.61 15.83
C VAL D 133 35.79 -12.48 15.96
N GLU D 134 35.98 -13.39 15.00
CA GLU D 134 37.16 -14.27 15.02
C GLU D 134 38.45 -13.46 14.97
N VAL D 135 38.51 -12.50 14.06
CA VAL D 135 39.68 -11.64 13.94
C VAL D 135 39.92 -10.88 15.23
N LEU D 136 38.85 -10.29 15.77
CA LEU D 136 38.99 -9.41 16.92
C LEU D 136 39.34 -10.14 18.19
N LYS D 137 38.77 -11.33 18.37
CA LYS D 137 39.04 -12.11 19.57
C LYS D 137 40.52 -12.47 19.66
N GLN D 138 41.16 -12.65 18.50
CA GLN D 138 42.57 -13.02 18.55
C GLN D 138 43.54 -11.85 18.39
N HIS D 139 43.06 -10.70 17.90
CA HIS D 139 43.99 -9.60 17.62
C HIS D 139 43.71 -8.26 18.30
N TRP D 140 42.49 -8.07 18.81
CA TRP D 140 42.18 -6.82 19.48
C TRP D 140 42.66 -6.82 20.94
N PRO D 141 43.45 -5.81 21.31
CA PRO D 141 44.01 -5.69 22.67
C PRO D 141 42.93 -5.54 23.74
N GLN D 142 42.98 -6.38 24.77
CA GLN D 142 41.96 -6.41 25.81
C GLN D 142 41.87 -5.09 26.57
N ASP D 143 42.92 -4.28 26.52
CA ASP D 143 42.94 -3.04 27.29
C ASP D 143 42.41 -1.82 26.52
N LEU D 144 41.93 -2.03 25.30
CA LEU D 144 41.40 -0.94 24.51
C LEU D 144 39.90 -1.13 24.29
N PRO D 145 39.14 -0.03 24.35
CA PRO D 145 37.67 -0.10 24.20
C PRO D 145 37.26 -0.57 22.80
N LEU D 146 36.31 -1.50 22.76
CA LEU D 146 35.73 -1.98 21.51
C LEU D 146 34.21 -1.88 21.60
N LEU D 147 33.60 -1.13 20.68
CA LEU D 147 32.15 -0.97 20.62
C LEU D 147 31.61 -1.41 19.26
N PHE D 148 30.69 -2.38 19.26
CA PHE D 148 29.97 -2.76 18.03
C PHE D 148 28.76 -1.84 17.86
N SER D 149 28.48 -1.44 16.63
CA SER D 149 27.22 -0.76 16.34
C SER D 149 26.72 -1.18 14.97
N SER D 150 25.43 -0.95 14.72
CA SER D 150 24.86 -1.24 13.41
C SER D 150 23.49 -0.61 13.22
N PHE D 151 23.14 -0.30 11.97
CA PHE D 151 21.76 -0.05 11.58
C PHE D 151 20.99 -1.35 11.41
N ASN D 152 21.72 -2.45 11.27
CA ASN D 152 21.15 -3.74 10.85
C ASN D 152 20.78 -4.62 12.05
N TYR D 153 19.48 -4.95 12.15
CA TYR D 153 18.97 -5.73 13.27
C TYR D 153 19.68 -7.07 13.41
N PHE D 154 19.81 -7.80 12.31
CA PHE D 154 20.39 -9.13 12.37
C PHE D 154 21.85 -9.06 12.78
N ALA D 155 22.55 -8.00 12.37
CA ALA D 155 23.93 -7.82 12.77
C ALA D 155 24.04 -7.67 14.28
N LEU D 156 23.14 -6.89 14.87
CA LEU D 156 23.19 -6.65 16.31
C LEU D 156 22.83 -7.91 17.10
N VAL D 157 21.87 -8.66 16.59
CA VAL D 157 21.49 -9.92 17.24
C VAL D 157 22.65 -10.90 17.18
N SER D 158 23.30 -10.97 16.02
N SER D 158 23.30 -10.98 16.02
CA SER D 158 24.44 -11.86 15.83
CA SER D 158 24.44 -11.89 15.86
C SER D 158 25.60 -11.49 16.74
C SER D 158 25.61 -11.49 16.76
N ALA D 159 25.88 -10.20 16.85
CA ALA D 159 26.97 -9.71 17.72
C ALA D 159 26.75 -10.15 19.16
N LYS D 160 25.53 -9.98 19.66
CA LYS D 160 25.22 -10.39 21.03
C LYS D 160 25.34 -11.90 21.18
N ALA D 161 24.98 -12.64 20.14
CA ALA D 161 25.03 -14.10 20.19
C ALA D 161 26.46 -14.62 20.21
N LEU D 162 27.35 -13.97 19.47
CA LEU D 162 28.70 -14.49 19.28
C LEU D 162 29.75 -13.90 20.23
N TRP D 163 29.50 -12.70 20.75
CA TRP D 163 30.44 -12.08 21.68
C TRP D 163 29.68 -11.12 22.61
N PRO D 164 28.88 -11.68 23.52
CA PRO D 164 27.96 -10.84 24.30
C PRO D 164 28.62 -9.76 25.14
N GLU D 165 29.84 -9.99 25.61
CA GLU D 165 30.47 -9.06 26.53
C GLU D 165 30.84 -7.73 25.89
N ILE D 166 30.85 -7.68 24.56
CA ILE D 166 31.19 -6.44 23.86
C ILE D 166 29.98 -5.51 23.74
N ALA D 167 30.16 -4.26 24.17
CA ALA D 167 29.09 -3.27 24.15
C ALA D 167 28.55 -3.05 22.74
N ARG D 168 27.26 -2.73 22.66
CA ARG D 168 26.55 -2.59 21.39
C ARG D 168 25.81 -1.25 21.34
N GLY D 169 25.91 -0.59 20.20
CA GLY D 169 25.12 0.61 19.94
C GLY D 169 24.17 0.37 18.78
N TYR D 170 22.95 0.92 18.89
CA TYR D 170 21.93 0.81 17.85
C TYR D 170 21.94 2.09 17.04
N ASN D 171 22.27 1.97 15.75
CA ASN D 171 22.30 3.12 14.84
C ASN D 171 20.93 3.31 14.21
N VAL D 172 20.45 4.55 14.25
CA VAL D 172 19.20 4.96 13.59
C VAL D 172 19.43 6.31 12.95
N SER D 173 18.49 6.77 12.14
CA SER D 173 18.49 8.17 11.73
C SER D 173 17.65 8.97 12.73
N ALA D 174 16.37 8.66 12.77
CA ALA D 174 15.45 9.30 13.70
C ALA D 174 15.37 8.49 14.98
N ILE D 175 15.13 9.16 16.10
CA ILE D 175 14.91 8.46 17.35
C ILE D 175 13.57 7.72 17.28
N PRO D 176 13.59 6.38 17.40
CA PRO D 176 12.33 5.64 17.30
C PRO D 176 11.39 6.02 18.43
N SER D 177 10.10 6.09 18.14
CA SER D 177 9.13 6.28 19.22
C SER D 177 9.28 5.15 20.24
N ALA D 178 9.62 3.95 19.74
CA ALA D 178 9.80 2.79 20.59
C ALA D 178 11.27 2.54 20.95
N TRP D 179 12.02 3.61 21.14
CA TRP D 179 13.45 3.49 21.44
C TRP D 179 13.73 2.60 22.65
N GLN D 180 12.96 2.73 23.71
CA GLN D 180 13.25 1.98 24.93
C GLN D 180 13.08 0.47 24.73
N GLU D 181 11.96 0.05 24.16
CA GLU D 181 11.73 -1.38 23.94
C GLU D 181 12.77 -1.96 22.99
N ARG D 182 13.18 -1.17 22.00
CA ARG D 182 14.21 -1.64 21.07
C ARG D 182 15.59 -1.78 21.70
N LEU D 183 15.99 -0.79 22.49
CA LEU D 183 17.29 -0.82 23.14
C LEU D 183 17.35 -1.96 24.16
N GLU D 184 16.24 -2.17 24.86
CA GLU D 184 16.18 -3.28 25.80
C GLU D 184 16.26 -4.63 25.08
N HIS D 185 15.53 -4.75 23.98
CA HIS D 185 15.48 -6.00 23.24
C HIS D 185 16.84 -6.34 22.62
N LEU D 186 17.46 -5.33 21.99
CA LEU D 186 18.75 -5.51 21.34
C LEU D 186 19.89 -5.47 22.36
N ASP D 187 19.56 -5.12 23.60
CA ASP D 187 20.55 -5.02 24.67
C ASP D 187 21.69 -4.12 24.21
N CYS D 188 21.32 -2.92 23.76
CA CYS D 188 22.29 -1.91 23.40
C CYS D 188 22.34 -0.83 24.48
N ALA D 189 23.53 -0.37 24.81
CA ALA D 189 23.71 0.64 25.86
C ALA D 189 23.73 2.05 25.29
N GLY D 190 23.74 2.17 23.98
CA GLY D 190 23.75 3.49 23.36
C GLY D 190 22.88 3.54 22.12
N LEU D 191 22.37 4.74 21.84
CA LEU D 191 21.64 5.00 20.61
C LEU D 191 22.45 6.01 19.81
N HIS D 192 22.75 5.67 18.55
CA HIS D 192 23.54 6.56 17.70
C HIS D 192 22.61 7.09 16.62
N ILE D 193 22.41 8.41 16.62
CA ILE D 193 21.38 9.04 15.79
C ILE D 193 21.96 10.02 14.77
N HIS D 194 21.17 10.36 13.75
CA HIS D 194 21.57 11.39 12.82
C HIS D 194 21.32 12.77 13.43
N GLN D 195 22.28 13.67 13.29
CA GLN D 195 22.22 14.98 13.92
C GLN D 195 20.94 15.76 13.60
N SER D 196 20.38 15.55 12.41
CA SER D 196 19.21 16.34 12.00
C SER D 196 17.97 15.94 12.80
N PHE D 197 18.07 14.84 13.54
CA PHE D 197 16.93 14.32 14.30
C PHE D 197 17.15 14.46 15.81
N PHE D 198 18.16 15.23 16.20
CA PHE D 198 18.39 15.47 17.62
C PHE D 198 17.18 16.21 18.21
N ASP D 199 16.68 15.69 19.32
CA ASP D 199 15.58 16.31 20.04
C ASP D 199 15.93 16.35 21.52
N VAL D 200 16.17 17.55 22.03
CA VAL D 200 16.71 17.70 23.37
C VAL D 200 15.85 17.00 24.42
N GLN D 201 14.54 17.10 24.26
CA GLN D 201 13.62 16.51 25.23
C GLN D 201 13.66 14.98 25.20
N GLN D 202 13.55 14.40 24.02
N GLN D 202 13.55 14.40 24.02
CA GLN D 202 13.67 12.94 23.89
CA GLN D 202 13.67 12.95 23.86
C GLN D 202 15.03 12.45 24.37
C GLN D 202 15.02 12.46 24.37
N VAL D 203 16.08 13.18 24.01
CA VAL D 203 17.41 12.83 24.44
C VAL D 203 17.52 12.82 25.98
N SER D 204 16.94 13.83 26.61
CA SER D 204 16.95 13.89 28.07
C SER D 204 16.27 12.67 28.69
N ASP D 205 15.16 12.24 28.08
CA ASP D 205 14.50 11.01 28.52
C ASP D 205 15.36 9.78 28.31
N ILE D 206 16.03 9.71 27.16
CA ILE D 206 16.88 8.57 26.88
C ILE D 206 18.04 8.52 27.86
N LYS D 207 18.63 9.68 28.14
CA LYS D 207 19.71 9.76 29.10
C LYS D 207 19.19 9.43 30.50
N ALA D 208 18.02 9.96 30.84
CA ALA D 208 17.40 9.67 32.13
C ALA D 208 17.27 8.16 32.31
N ALA D 209 17.00 7.46 31.22
CA ALA D 209 16.82 6.01 31.27
C ALA D 209 18.13 5.23 31.32
N GLY D 210 19.26 5.94 31.24
CA GLY D 210 20.55 5.31 31.47
C GLY D 210 21.37 5.02 30.22
N TYR D 211 20.91 5.51 29.07
CA TYR D 211 21.58 5.23 27.82
C TYR D 211 22.49 6.35 27.37
N LYS D 212 23.53 5.98 26.63
CA LYS D 212 24.37 6.97 25.96
C LYS D 212 23.68 7.39 24.66
N VAL D 213 23.87 8.65 24.29
CA VAL D 213 23.35 9.14 23.02
C VAL D 213 24.49 9.78 22.23
N LEU D 214 24.70 9.30 21.01
CA LEU D 214 25.72 9.82 20.12
C LEU D 214 25.07 10.30 18.84
N ALA D 215 25.75 11.17 18.09
CA ALA D 215 25.22 11.66 16.82
C ALA D 215 26.28 11.81 15.72
N PHE D 216 25.88 11.48 14.49
CA PHE D 216 26.72 11.61 13.30
C PHE D 216 25.95 12.42 12.26
N THR D 217 26.64 13.03 11.29
N THR D 217 26.64 13.06 11.32
CA THR D 217 28.08 13.23 11.32
CA THR D 217 28.10 13.21 11.36
C THR D 217 28.21 14.74 11.46
C THR D 217 28.40 14.71 11.37
N ILE D 218 28.87 15.20 12.51
CA ILE D 218 28.96 16.63 12.76
C ILE D 218 30.32 17.22 12.43
N ASN D 219 30.33 18.13 11.46
CA ASN D 219 31.56 18.73 10.98
C ASN D 219 31.65 20.22 11.28
N ASP D 220 30.60 20.75 11.90
CA ASP D 220 30.57 22.15 12.31
C ASP D 220 30.81 22.30 13.83
N GLU D 221 31.83 23.06 14.21
CA GLU D 221 32.19 23.21 15.62
C GLU D 221 31.04 23.74 16.47
N SER D 222 30.36 24.77 15.97
CA SER D 222 29.27 25.39 16.69
C SER D 222 28.14 24.41 16.98
N LEU D 223 27.83 23.56 16.00
CA LEU D 223 26.76 22.59 16.17
C LEU D 223 27.18 21.55 17.20
N ALA D 224 28.43 21.10 17.13
CA ALA D 224 28.92 20.14 18.10
C ALA D 224 28.73 20.67 19.51
N LEU D 225 29.23 21.88 19.74
CA LEU D 225 29.15 22.49 21.08
C LEU D 225 27.71 22.67 21.51
N LYS D 226 26.85 23.05 20.58
CA LYS D 226 25.43 23.20 20.87
C LYS D 226 24.88 21.88 21.39
N LEU D 227 25.17 20.80 20.69
CA LEU D 227 24.62 19.50 21.08
C LEU D 227 25.22 18.91 22.36
N TYR D 228 26.51 19.10 22.59
CA TYR D 228 27.12 18.68 23.85
C TYR D 228 26.39 19.37 25.01
N ASN D 229 26.17 20.67 24.87
CA ASN D 229 25.50 21.42 25.92
C ASN D 229 24.12 20.86 26.18
N GLN D 230 23.50 20.29 25.14
CA GLN D 230 22.18 19.70 25.26
C GLN D 230 22.19 18.21 25.63
N GLY D 231 23.36 17.69 25.98
CA GLY D 231 23.48 16.37 26.57
C GLY D 231 23.98 15.25 25.68
N LEU D 232 24.35 15.58 24.45
CA LEU D 232 24.93 14.60 23.54
C LEU D 232 26.25 14.11 24.16
N ASP D 233 26.43 12.79 24.19
CA ASP D 233 27.63 12.20 24.80
C ASP D 233 28.84 12.21 23.88
N ALA D 234 28.62 12.02 22.59
CA ALA D 234 29.73 12.05 21.63
C ALA D 234 29.23 12.38 20.23
N VAL D 235 30.11 12.97 19.42
CA VAL D 235 29.85 13.15 18.00
C VAL D 235 30.81 12.31 17.18
N PHE D 236 30.32 11.86 16.03
CA PHE D 236 31.18 11.31 14.99
C PHE D 236 31.46 12.46 14.05
N SER D 237 32.73 12.70 13.75
CA SER D 237 33.10 13.84 12.92
C SER D 237 34.17 13.50 11.89
N ASP D 238 34.06 14.10 10.71
CA ASP D 238 35.10 13.98 9.69
C ASP D 238 36.28 14.91 9.97
N TYR D 239 36.03 15.90 10.82
CA TYR D 239 37.08 16.84 11.25
C TYR D 239 37.20 16.78 12.77
N PRO D 240 37.65 15.63 13.28
CA PRO D 240 37.63 15.43 14.73
C PRO D 240 38.59 16.35 15.47
N GLN D 241 39.71 16.70 14.84
N GLN D 241 39.71 16.70 14.85
CA GLN D 241 40.68 17.57 15.48
CA GLN D 241 40.67 17.57 15.52
C GLN D 241 40.09 18.96 15.70
C GLN D 241 40.07 18.96 15.72
N LYS D 242 39.36 19.44 14.70
CA LYS D 242 38.71 20.75 14.77
C LYS D 242 37.64 20.76 15.86
N ILE D 243 36.88 19.68 15.97
CA ILE D 243 35.85 19.59 17.00
C ILE D 243 36.49 19.64 18.39
N GLN D 244 37.57 18.87 18.58
CA GLN D 244 38.24 18.84 19.88
C GLN D 244 38.86 20.20 20.23
N SER D 245 39.41 20.86 19.22
CA SER D 245 39.95 22.20 19.44
C SER D 245 38.88 23.14 19.97
N ALA D 246 37.65 22.98 19.47
CA ALA D 246 36.53 23.83 19.87
C ALA D 246 36.16 23.57 21.33
N ILE D 247 36.09 22.30 21.71
CA ILE D 247 35.78 21.92 23.08
C ILE D 247 36.81 22.48 24.05
N ASP D 248 38.09 22.26 23.73
CA ASP D 248 39.18 22.60 24.64
C ASP D 248 39.47 24.09 24.70
N SER D 249 38.76 24.89 23.91
CA SER D 249 39.00 26.33 23.88
C SER D 249 38.09 27.11 24.83
O1 G3P E . 12.61 -3.80 -4.42
C1 G3P E . 13.65 -4.22 -5.28
C2 G3P E . 14.72 -3.15 -5.36
O2 G3P E . 14.16 -1.90 -5.70
C3 G3P E . 15.45 -3.00 -4.04
O1P G3P E . 16.58 -2.17 -4.23
O4P G3P E . 15.28 0.16 -4.03
O2P G3P E . 16.53 -0.48 -6.07
O3P G3P E . 17.72 0.11 -3.99
P G3P E . 16.49 -0.58 -4.57
HO1 G3P E . 12.82 -2.90 -4.06
H11 G3P E . 13.24 -4.41 -6.27
H12 G3P E . 14.08 -5.15 -4.91
H2 G3P E . 15.46 -3.44 -6.12
HO2 G3P E . 14.38 -1.24 -5.00
H31 G3P E . 15.76 -3.97 -3.67
H32 G3P E . 14.79 -2.55 -3.30
MG MG F . 13.15 -0.30 -4.53
MG MG G . 7.49 21.44 -11.11
MG MG H . 16.21 12.28 -23.77
NA NA I . 26.47 -16.44 -6.26
NA NA J . 24.04 -4.67 -13.59
NA NA K . 8.47 13.95 -25.28
NA NA L . 9.13 19.35 7.84
CL CL M . 21.11 16.55 -1.17
CL CL N . -5.29 -8.11 7.97
CL CL O . 3.67 -12.78 -16.59
CL CL P . 21.42 -6.70 -16.24
CL CL Q . 16.71 16.42 -22.69
C1 PEG R . 5.99 -21.09 2.12
O1 PEG R . 5.42 -19.85 1.88
C2 PEG R . 6.23 -21.23 3.58
O2 PEG R . 6.14 -22.56 3.94
C3 PEG R . 6.05 -22.89 5.28
C4 PEG R . 5.16 -24.06 5.45
O4 PEG R . 4.44 -23.93 6.62
C1 EDO S . 7.89 12.23 -23.69
O1 EDO S . 7.71 12.62 -22.33
C2 EDO S . 8.49 10.83 -23.75
O2 EDO S . 8.30 10.27 -25.06
NI NI T . -7.24 9.42 1.75
O1 G3P U . -26.78 24.23 4.73
C1 G3P U . -27.67 25.28 4.39
C2 G3P U . -28.56 24.85 3.22
O2 G3P U . -27.78 24.29 2.19
C3 G3P U . -29.57 23.82 3.69
O1P G3P U . -30.50 23.52 2.66
O4P G3P U . -31.30 22.10 0.70
O2P G3P U . -28.96 21.85 1.28
O3P G3P U . -29.79 24.00 0.30
P G3P U . -30.11 22.85 1.23
HO1 G3P U . -26.93 23.46 4.15
H11 G3P U . -28.29 25.52 5.25
H12 G3P U . -27.09 26.16 4.11
H2 G3P U . -29.09 25.72 2.86
HO2 G3P U . -28.08 23.38 2.01
H31 G3P U . -30.11 24.20 4.56
H32 G3P U . -29.05 22.91 3.98
MG MG V . -26.93 22.23 1.84
MG MG W . -38.19 37.53 24.48
MG MG X . -24.81 30.88 -19.22
MG MG Y . -33.32 10.50 1.22
NA NA Z . -18.95 16.91 15.26
CL CL AA . -33.15 10.40 -11.53
CL CL BA . -16.82 38.45 7.37
CL CL CA . -33.24 36.47 -1.31
CL CL DA . -17.70 26.87 17.49
CL CL EA . -13.98 11.48 -0.83
CL CL FA . -38.13 46.23 6.41
C1 EDO GA . -21.84 0.28 -6.30
O1 EDO GA . -23.25 0.51 -6.37
C2 EDO GA . -21.54 -0.80 -5.27
O2 EDO GA . -20.15 -1.16 -5.33
O1 G3P HA . -18.30 -27.98 -12.23
C1 G3P HA . -18.48 -29.38 -12.11
C2 G3P HA . -18.03 -29.83 -10.72
O2 G3P HA . -18.67 -29.04 -9.73
C3 G3P HA . -18.31 -31.31 -10.51
O1P G3P HA . -19.68 -31.57 -10.25
O4P G3P HA . -19.21 -31.18 -7.79
O2P G3P HA . -21.28 -32.39 -8.45
O3P G3P HA . -21.15 -29.95 -8.81
P G3P HA . -20.33 -31.26 -8.80
HO1 G3P HA . -17.95 -27.63 -11.39
H11 G3P HA . -17.88 -29.89 -12.87
H12 G3P HA . -19.52 -29.64 -12.26
H2 G3P HA . -16.95 -29.68 -10.65
HO2 G3P HA . -19.16 -29.62 -9.12
H31 G3P HA . -18.00 -31.87 -11.40
H32 G3P HA . -17.72 -31.69 -9.67
MG MG IA . -20.45 -27.88 -9.36
MG MG JA . -28.07 -30.64 8.23
NA NA KA . -30.97 -15.72 11.06
CL CL LA . -33.53 -32.81 3.46
CL CL MA . -8.05 -36.31 -5.21
CL CL NA . -2.61 -20.31 -13.54
CL CL OA . -8.71 -14.59 -14.52
CL CL PA . -44.79 -25.90 -9.75
C1 PEG QA . -21.80 -4.43 -14.44
O1 PEG QA . -22.04 -4.37 -15.80
C2 PEG QA . -20.68 -3.51 -14.08
O2 PEG QA . -20.32 -3.69 -12.77
C3 PEG QA . -19.27 -2.97 -12.25
C4 PEG QA . -18.10 -3.08 -13.16
O4 PEG QA . -16.95 -2.64 -12.52
O1 G3P RA . 28.36 4.71 12.77
C1 G3P RA . 27.32 5.41 12.11
C2 G3P RA . 27.88 6.46 11.15
O2 G3P RA . 28.99 5.96 10.45
C3 G3P RA . 26.78 6.93 10.17
O1P G3P RA . 26.58 5.96 9.17
O4P G3P RA . 26.65 5.80 6.61
O2P G3P RA . 28.40 7.10 7.81
O3P G3P RA . 28.40 4.62 7.91
P G3P RA . 27.52 5.87 7.85
HO1 G3P RA . 29.22 5.05 12.46
H11 G3P RA . 26.68 5.89 12.85
H12 G3P RA . 26.70 4.70 11.56
H2 G3P RA . 28.19 7.31 11.74
HO2 G3P RA . 28.82 6.02 9.49
H31 G3P RA . 27.09 7.87 9.72
H32 G3P RA . 25.86 7.10 10.72
MG MG SA . 29.77 4.08 9.58
MG MG TA . 36.46 5.76 -8.62
MG MG UA . 33.49 -3.60 -14.49
MG MG VA . 50.77 -4.55 6.80
NA NA WA . 25.65 -2.85 25.37
CL CL XA . 40.29 17.42 11.65
CL CL YA . 27.81 19.54 10.51
#